data_5CHN
#
_entry.id   5CHN
#
_cell.length_a   133.930
_cell.length_b   133.930
_cell.length_c   52.800
_cell.angle_alpha   90.00
_cell.angle_beta   90.00
_cell.angle_gamma   90.00
#
_symmetry.space_group_name_H-M   'P 41'
#
loop_
_entity.id
_entity.type
_entity.pdbx_description
1 polymer 'Antibody 5M16 Fab Heavy Chain'
2 polymer 'Antibody 5M16 Fab Light Chain'
3 water water
#
loop_
_entity_poly.entity_id
_entity_poly.type
_entity_poly.pdbx_seq_one_letter_code
_entity_poly.pdbx_strand_id
1 'polypeptide(L)'
;QVQLVQSGAEVKKPGASVRVSCKASGYTFTSYFMHWVRQAPGQGLEWMAITYPGGGSPSYAPQFQGRLTMTDDTSATTVY
MDLSDLTSKDTAVYYCARGAHRSIGTTPLDSWGQGTLVTVSSASTKGPSVFPLAPSSKSTSGGTAALGCLVKDYFPEPVT
VSWNSGALTSGVHTFPAVLQSSGLYSLSSVVTVPSSSLGTQTYICNVNHKPSNTKVDKRVEP
;
H,A
2 'polypeptide(L)'
;IVMTQTPLSLSVTPGQPASISCKSSQSLLHSDGKTYLYWYLQKPGQSPQLLIYEVSNRLSGVPDRFSGSGSGTDFTLKIS
RVETEDVGVYYCMQSIQVPLYTFGQGTRLEIKRTVAAPSVFIFPPSDEQLKSGTASVVCLLNNFYPREAKVQWKVDNALQ
SGNSQESVTEQDSKDSTYSLSSTLTLSKADYEKHKVYACEVTHQGLSSPVTKSFNRGE
;
L,B
#
# COMPACT_ATOMS: atom_id res chain seq x y z
N GLN A 1 -16.81 46.35 3.73
CA GLN A 1 -16.00 45.38 3.02
C GLN A 1 -15.56 44.31 4.01
N VAL A 2 -15.99 43.06 3.74
CA VAL A 2 -15.61 41.95 4.60
C VAL A 2 -14.13 41.62 4.39
N GLN A 3 -13.41 41.42 5.49
CA GLN A 3 -12.09 40.82 5.46
C GLN A 3 -12.00 39.69 6.49
N LEU A 4 -11.37 38.59 6.08
CA LEU A 4 -11.04 37.47 6.96
C LEU A 4 -9.55 37.19 6.82
N VAL A 5 -8.76 37.57 7.81
CA VAL A 5 -7.30 37.51 7.71
C VAL A 5 -6.81 36.43 8.66
N GLN A 6 -6.25 35.36 8.10
CA GLN A 6 -5.77 34.22 8.86
C GLN A 6 -4.31 34.40 9.28
N SER A 7 -3.94 33.68 10.34
CA SER A 7 -2.56 33.61 10.75
C SER A 7 -1.74 32.80 9.73
N GLY A 8 -0.40 32.85 9.92
CA GLY A 8 0.52 32.30 8.94
C GLY A 8 0.72 30.79 9.03
N ALA A 9 1.47 30.28 8.05
CA ALA A 9 1.63 28.83 7.89
C ALA A 9 2.28 28.22 9.13
N GLU A 10 1.96 26.96 9.37
CA GLU A 10 2.47 26.24 10.53
C GLU A 10 3.10 24.93 10.08
N VAL A 11 4.08 24.49 10.88
CA VAL A 11 4.71 23.18 10.74
C VAL A 11 4.64 22.50 12.10
N LYS A 12 4.20 21.24 12.12
CA LYS A 12 4.02 20.52 13.37
C LYS A 12 4.46 19.07 13.18
N LYS A 13 4.85 18.45 14.27
CA LYS A 13 5.18 17.04 14.28
C LYS A 13 3.95 16.22 14.65
N PRO A 14 3.92 14.95 14.26
CA PRO A 14 2.77 14.11 14.64
C PRO A 14 2.58 14.09 16.14
N GLY A 15 1.32 14.11 16.55
CA GLY A 15 0.98 14.15 17.94
C GLY A 15 0.76 15.54 18.48
N ALA A 16 1.21 16.58 17.76
CA ALA A 16 1.08 17.93 18.28
C ALA A 16 -0.33 18.45 18.05
N SER A 17 -0.56 19.70 18.49
CA SER A 17 -1.78 20.45 18.22
C SER A 17 -1.41 21.73 17.51
N VAL A 18 -2.35 22.27 16.72
CA VAL A 18 -2.13 23.51 15.98
C VAL A 18 -3.29 24.46 16.23
N ARG A 19 -2.98 25.74 16.33
CA ARG A 19 -3.99 26.78 16.47
C ARG A 19 -3.88 27.69 15.26
N VAL A 20 -5.00 27.93 14.59
CA VAL A 20 -5.05 28.88 13.49
C VAL A 20 -6.11 29.91 13.84
N SER A 21 -5.80 31.17 13.58
CA SER A 21 -6.73 32.24 13.90
C SER A 21 -7.21 32.91 12.63
N CYS A 22 -8.35 33.59 12.76
CA CYS A 22 -8.98 34.29 11.65
C CYS A 22 -9.59 35.58 12.20
N LYS A 23 -9.01 36.71 11.80
CA LYS A 23 -9.44 38.04 12.24
C LYS A 23 -10.44 38.58 11.23
N ALA A 24 -11.67 38.78 11.69
CA ALA A 24 -12.77 39.25 10.86
C ALA A 24 -12.96 40.75 11.03
N SER A 25 -13.37 41.42 9.95
CA SER A 25 -13.69 42.83 10.06
C SER A 25 -14.69 43.21 8.99
N GLY A 26 -15.32 44.37 9.18
CA GLY A 26 -16.19 44.95 8.19
C GLY A 26 -17.66 44.64 8.32
N TYR A 27 -18.06 43.96 9.40
CA TYR A 27 -19.45 43.56 9.58
C TYR A 27 -19.68 43.28 11.06
N THR A 28 -20.95 43.09 11.42
CA THR A 28 -21.27 42.82 12.82
C THR A 28 -20.90 41.38 13.14
N PHE A 29 -19.78 41.22 13.86
CA PHE A 29 -19.13 39.94 14.08
C PHE A 29 -20.10 38.91 14.66
N THR A 30 -20.96 39.32 15.57
CA THR A 30 -21.81 38.38 16.27
C THR A 30 -23.11 38.06 15.53
N SER A 31 -23.36 38.60 14.34
CA SER A 31 -24.60 38.25 13.68
C SER A 31 -24.42 37.31 12.50
N TYR A 32 -23.24 36.70 12.32
CA TYR A 32 -23.04 35.70 11.26
C TYR A 32 -22.40 34.45 11.82
N PHE A 33 -22.82 33.30 11.30
CA PHE A 33 -22.09 32.07 11.59
C PHE A 33 -20.71 32.13 10.94
N MET A 34 -19.76 31.37 11.51
CA MET A 34 -18.42 31.21 10.95
C MET A 34 -18.11 29.74 10.86
N HIS A 35 -17.34 29.37 9.82
CA HIS A 35 -17.03 27.99 9.49
C HIS A 35 -15.52 27.80 9.36
N TRP A 36 -15.05 26.58 9.62
CA TRP A 36 -13.74 26.13 9.19
C TRP A 36 -13.91 25.02 8.14
N VAL A 37 -13.09 25.10 7.09
CA VAL A 37 -13.05 24.14 5.98
C VAL A 37 -11.58 23.89 5.68
N ARG A 38 -11.23 22.66 5.31
CA ARG A 38 -9.83 22.42 4.95
C ARG A 38 -9.72 21.69 3.61
N GLN A 39 -8.49 21.66 3.08
CA GLN A 39 -8.25 21.03 1.78
C GLN A 39 -6.84 20.46 1.78
N ALA A 40 -6.72 19.14 1.79
CA ALA A 40 -5.42 18.52 1.70
C ALA A 40 -4.86 18.74 0.28
N PRO A 41 -3.54 18.76 0.11
CA PRO A 41 -2.98 19.17 -1.20
C PRO A 41 -3.47 18.27 -2.34
N GLY A 42 -3.99 18.90 -3.38
CA GLY A 42 -4.57 18.19 -4.50
C GLY A 42 -5.86 17.44 -4.23
N GLN A 43 -6.54 17.72 -3.12
CA GLN A 43 -7.75 16.99 -2.76
C GLN A 43 -8.94 17.95 -2.67
N GLY A 44 -10.10 17.39 -2.29
CA GLY A 44 -11.32 18.15 -2.24
C GLY A 44 -11.49 18.89 -0.91
N LEU A 45 -12.51 19.75 -0.87
CA LEU A 45 -12.86 20.50 0.33
C LEU A 45 -13.50 19.61 1.38
N GLU A 46 -13.18 19.86 2.65
CA GLU A 46 -13.75 19.12 3.78
C GLU A 46 -14.25 20.11 4.82
N TRP A 47 -15.56 20.08 5.08
CA TRP A 47 -16.16 20.97 6.08
C TRP A 47 -15.78 20.46 7.46
N MET A 48 -15.46 21.38 8.38
CA MET A 48 -14.93 20.98 9.69
C MET A 48 -15.81 21.37 10.86
N ALA A 49 -16.24 22.63 10.95
CA ALA A 49 -16.86 23.13 12.17
C ALA A 49 -17.60 24.42 11.86
N ILE A 50 -18.48 24.78 12.79
CA ILE A 50 -19.25 26.02 12.68
C ILE A 50 -19.52 26.52 14.10
N THR A 51 -19.56 27.85 14.23
CA THR A 51 -20.04 28.46 15.45
C THR A 51 -20.66 29.81 15.09
N TYR A 52 -21.31 30.43 16.07
CA TYR A 52 -21.52 31.86 15.90
C TYR A 52 -20.92 32.60 17.09
N PRO A 53 -20.23 33.69 16.84
CA PRO A 53 -19.46 34.34 17.91
C PRO A 53 -20.36 34.91 18.98
N GLY A 54 -19.84 34.90 20.21
CA GLY A 54 -20.55 35.50 21.32
C GLY A 54 -21.81 34.74 21.69
N GLY A 55 -21.64 33.55 22.26
CA GLY A 55 -22.77 32.76 22.70
C GLY A 55 -23.08 31.55 21.85
N GLY A 56 -22.21 31.19 20.92
CA GLY A 56 -22.41 29.98 20.16
C GLY A 56 -21.81 28.78 20.88
N SER A 57 -22.48 27.64 20.72
CA SER A 57 -21.85 26.37 21.05
C SER A 57 -21.42 25.75 19.73
N PRO A 58 -20.12 25.63 19.46
CA PRO A 58 -19.68 25.12 18.15
C PRO A 58 -20.09 23.68 17.97
N SER A 59 -20.19 23.26 16.71
CA SER A 59 -20.39 21.86 16.43
C SER A 59 -19.39 21.43 15.38
N TYR A 60 -19.04 20.14 15.42
CA TYR A 60 -17.86 19.62 14.76
C TYR A 60 -18.25 18.44 13.88
N ALA A 61 -17.66 18.39 12.69
CA ALA A 61 -17.82 17.22 11.85
C ALA A 61 -17.35 15.99 12.61
N PRO A 62 -18.09 14.88 12.56
CA PRO A 62 -17.80 13.76 13.49
C PRO A 62 -16.48 13.06 13.22
N GLN A 63 -15.97 13.11 11.99
CA GLN A 63 -14.72 12.40 11.70
C GLN A 63 -13.51 12.99 12.40
N PHE A 64 -13.62 14.18 12.98
CA PHE A 64 -12.49 14.71 13.73
C PHE A 64 -12.39 14.10 15.12
N GLN A 65 -13.32 13.21 15.49
CA GLN A 65 -13.24 12.43 16.72
C GLN A 65 -12.97 13.29 17.95
N GLY A 66 -13.52 14.49 17.99
CA GLY A 66 -13.29 15.34 19.14
C GLY A 66 -11.93 16.02 19.20
N ARG A 67 -11.08 15.87 18.18
CA ARG A 67 -9.77 16.54 18.20
C ARG A 67 -9.84 18.03 17.89
N LEU A 68 -10.98 18.51 17.41
CA LEU A 68 -11.10 19.86 16.90
C LEU A 68 -11.92 20.69 17.88
N THR A 69 -11.39 21.84 18.28
CA THR A 69 -12.18 22.80 19.01
C THR A 69 -12.17 24.13 18.27
N MET A 70 -13.30 24.81 18.32
CA MET A 70 -13.46 26.12 17.72
C MET A 70 -13.82 27.10 18.84
N THR A 71 -13.20 28.27 18.81
CA THR A 71 -13.49 29.29 19.81
C THR A 71 -13.54 30.64 19.11
N ASP A 72 -13.96 31.66 19.85
CA ASP A 72 -14.04 33.01 19.30
C ASP A 72 -13.80 34.02 20.42
N ASP A 73 -13.29 35.18 20.04
CA ASP A 73 -13.04 36.28 20.97
C ASP A 73 -13.72 37.49 20.35
N THR A 74 -14.88 37.86 20.90
CA THR A 74 -15.66 38.94 20.28
C THR A 74 -14.98 40.30 20.44
N SER A 75 -14.25 40.53 21.53
CA SER A 75 -13.59 41.82 21.63
C SER A 75 -12.45 41.95 20.62
N ALA A 76 -11.91 40.84 20.13
CA ALA A 76 -10.92 40.87 19.06
C ALA A 76 -11.52 40.51 17.70
N THR A 77 -12.84 40.27 17.62
CA THR A 77 -13.55 39.78 16.43
C THR A 77 -12.70 38.74 15.67
N THR A 78 -12.30 37.72 16.41
CA THR A 78 -11.43 36.67 15.88
C THR A 78 -12.02 35.31 16.22
N VAL A 79 -11.88 34.37 15.29
CA VAL A 79 -12.29 32.99 15.50
C VAL A 79 -11.03 32.14 15.46
N TYR A 80 -11.03 31.03 16.19
CA TYR A 80 -9.87 30.16 16.22
C TYR A 80 -10.29 28.73 15.96
N MET A 81 -9.36 27.95 15.45
CA MET A 81 -9.46 26.50 15.51
C MET A 81 -8.24 25.96 16.23
N ASP A 82 -8.45 24.92 17.02
CA ASP A 82 -7.35 24.15 17.61
C ASP A 82 -7.58 22.70 17.22
N LEU A 83 -6.61 22.13 16.52
CA LEU A 83 -6.71 20.73 16.08
C LEU A 83 -5.59 19.96 16.75
N SER A 84 -5.95 19.02 17.62
CA SER A 84 -4.96 18.31 18.42
C SER A 84 -4.70 16.90 17.87
N ASP A 85 -3.68 16.25 18.43
CA ASP A 85 -3.27 14.89 18.05
C ASP A 85 -3.06 14.77 16.53
N LEU A 86 -2.30 15.71 15.97
CA LEU A 86 -2.15 15.80 14.51
C LEU A 86 -1.48 14.56 13.92
N THR A 87 -1.87 14.21 12.68
CA THR A 87 -1.11 13.25 11.88
C THR A 87 -0.91 13.85 10.49
N SER A 88 -0.14 13.13 9.66
CA SER A 88 0.10 13.59 8.30
C SER A 88 -1.19 13.65 7.48
N LYS A 89 -2.24 12.98 7.92
CA LYS A 89 -3.55 13.17 7.29
C LYS A 89 -4.09 14.58 7.49
N ASP A 90 -3.52 15.36 8.41
CA ASP A 90 -4.01 16.69 8.69
C ASP A 90 -3.26 17.75 7.92
N THR A 91 -2.24 17.36 7.15
CA THR A 91 -1.57 18.33 6.30
C THR A 91 -2.59 18.89 5.32
N ALA A 92 -2.79 20.20 5.34
CA ALA A 92 -3.89 20.78 4.58
C ALA A 92 -3.79 22.30 4.64
N VAL A 93 -4.47 22.95 3.70
CA VAL A 93 -4.78 24.37 3.82
C VAL A 93 -6.10 24.49 4.59
N TYR A 94 -6.07 25.26 5.67
CA TYR A 94 -7.23 25.49 6.53
C TYR A 94 -7.83 26.85 6.22
N TYR A 95 -9.14 26.89 5.97
CA TYR A 95 -9.82 28.12 5.60
C TYR A 95 -10.85 28.45 6.65
N CYS A 96 -10.89 29.72 7.02
CA CYS A 96 -12.04 30.25 7.71
C CYS A 96 -12.99 30.85 6.69
N ALA A 97 -14.30 30.78 6.96
CA ALA A 97 -15.26 31.33 6.02
C ALA A 97 -16.48 31.83 6.77
N ARG A 98 -16.99 32.97 6.34
CA ARG A 98 -18.21 33.52 6.91
C ARG A 98 -19.40 32.79 6.34
N GLY A 99 -20.29 32.35 7.21
CA GLY A 99 -21.55 31.75 6.79
C GLY A 99 -22.64 32.80 6.67
N ALA A 100 -23.89 32.34 6.77
CA ALA A 100 -25.03 33.22 6.56
C ALA A 100 -25.33 34.04 7.81
N HIS A 101 -26.12 35.10 7.61
CA HIS A 101 -26.64 35.90 8.71
C HIS A 101 -27.49 35.02 9.63
N ARG A 102 -27.43 35.27 10.94
CA ARG A 102 -27.98 34.32 11.91
C ARG A 102 -29.49 34.18 11.79
N SER A 103 -30.16 35.19 11.24
CA SER A 103 -31.59 35.13 10.96
C SER A 103 -31.93 34.43 9.65
N ILE A 104 -30.94 34.12 8.81
CA ILE A 104 -31.18 33.43 7.55
C ILE A 104 -30.86 31.94 7.64
N GLY A 105 -29.69 31.59 8.17
CA GLY A 105 -29.30 30.19 8.24
C GLY A 105 -27.83 30.06 8.54
N THR A 106 -27.29 28.87 8.34
CA THR A 106 -25.89 28.64 8.63
C THR A 106 -25.02 28.81 7.41
N THR A 107 -25.56 28.47 6.25
CA THR A 107 -24.86 28.48 4.99
C THR A 107 -25.68 29.36 4.05
N PRO A 108 -25.12 29.78 2.89
CA PRO A 108 -23.84 29.42 2.27
C PRO A 108 -22.65 30.17 2.86
N LEU A 109 -21.46 29.93 2.30
CA LEU A 109 -20.20 30.49 2.80
C LEU A 109 -19.77 31.57 1.82
N ASP A 110 -20.08 32.84 2.13
CA ASP A 110 -19.93 33.88 1.13
C ASP A 110 -18.56 34.55 1.14
N SER A 111 -17.81 34.46 2.23
CA SER A 111 -16.50 35.09 2.27
C SER A 111 -15.53 34.11 2.90
N TRP A 112 -14.33 34.05 2.34
CA TRP A 112 -13.32 33.06 2.71
C TRP A 112 -12.02 33.76 3.08
N GLY A 113 -11.36 33.28 4.13
CA GLY A 113 -10.01 33.74 4.43
C GLY A 113 -9.03 33.33 3.32
N GLN A 114 -7.78 33.77 3.46
CA GLN A 114 -6.79 33.43 2.44
C GLN A 114 -6.22 32.03 2.59
N GLY A 115 -6.55 31.34 3.67
CA GLY A 115 -6.04 30.00 3.88
C GLY A 115 -4.74 30.01 4.68
N THR A 116 -4.57 28.95 5.47
CA THR A 116 -3.38 28.73 6.29
C THR A 116 -2.88 27.32 6.02
N LEU A 117 -1.67 27.19 5.50
CA LEU A 117 -1.11 25.86 5.32
C LEU A 117 -0.56 25.35 6.64
N VAL A 118 -1.02 24.17 7.06
CA VAL A 118 -0.45 23.46 8.20
C VAL A 118 0.19 22.18 7.66
N THR A 119 1.49 22.01 7.89
CA THR A 119 2.19 20.80 7.48
C THR A 119 2.53 19.95 8.70
N VAL A 120 2.11 18.69 8.68
CA VAL A 120 2.35 17.78 9.80
C VAL A 120 3.31 16.70 9.33
N SER A 121 4.48 16.66 9.94
CA SER A 121 5.53 15.75 9.46
C SER A 121 6.58 15.59 10.53
N SER A 122 7.28 14.45 10.49
CA SER A 122 8.47 14.30 11.31
C SER A 122 9.65 15.05 10.74
N ALA A 123 9.61 15.40 9.45
CA ALA A 123 10.70 16.15 8.84
C ALA A 123 10.93 17.48 9.55
N SER A 124 12.14 18.00 9.43
CA SER A 124 12.44 19.34 9.92
C SER A 124 12.71 20.27 8.73
N THR A 125 12.48 21.56 8.98
CA THR A 125 12.61 22.59 7.96
C THR A 125 13.99 22.55 7.33
N LYS A 126 14.04 22.65 6.00
CA LYS A 126 15.29 22.48 5.26
C LYS A 126 15.15 23.11 3.89
N GLY A 127 16.12 23.95 3.52
CA GLY A 127 16.17 24.52 2.19
C GLY A 127 16.54 23.49 1.15
N PRO A 128 16.26 23.77 -0.11
CA PRO A 128 16.50 22.78 -1.15
C PRO A 128 17.94 22.80 -1.63
N SER A 129 18.36 21.67 -2.19
CA SER A 129 19.48 21.65 -3.12
C SER A 129 18.93 21.94 -4.50
N VAL A 130 19.65 22.75 -5.27
CA VAL A 130 19.23 23.11 -6.62
C VAL A 130 20.24 22.56 -7.60
N PHE A 131 19.79 21.69 -8.50
CA PHE A 131 20.65 21.05 -9.47
C PHE A 131 20.23 21.45 -10.89
N PRO A 132 21.19 21.58 -11.81
CA PRO A 132 20.84 21.93 -13.19
C PRO A 132 20.23 20.76 -13.94
N LEU A 133 19.28 21.10 -14.81
CA LEU A 133 18.74 20.19 -15.84
C LEU A 133 19.32 20.71 -17.14
N ALA A 134 20.48 20.08 -17.60
CA ALA A 134 21.17 20.77 -18.68
C ALA A 134 20.67 20.29 -20.04
N PRO A 135 20.55 21.19 -21.03
CA PRO A 135 19.95 20.84 -22.34
C PRO A 135 20.66 19.70 -23.06
N GLY A 143 16.09 21.92 -32.60
CA GLY A 143 16.00 23.37 -32.77
C GLY A 143 15.41 24.11 -31.58
N THR A 144 15.03 23.35 -30.56
CA THR A 144 14.50 23.91 -29.32
C THR A 144 15.14 23.17 -28.17
N ALA A 145 15.77 23.90 -27.26
CA ALA A 145 16.40 23.28 -26.10
C ALA A 145 15.50 23.43 -24.89
N ALA A 146 15.30 22.34 -24.16
CA ALA A 146 14.71 22.36 -22.83
C ALA A 146 15.85 22.36 -21.82
N LEU A 147 15.75 23.24 -20.82
CA LEU A 147 16.69 23.25 -19.71
C LEU A 147 15.90 23.58 -18.45
N GLY A 148 16.53 23.45 -17.29
CA GLY A 148 15.77 23.68 -16.07
C GLY A 148 16.57 23.49 -14.80
N CYS A 149 15.84 23.49 -13.68
CA CYS A 149 16.41 23.31 -12.35
C CYS A 149 15.57 22.28 -11.59
N LEU A 150 16.24 21.33 -10.97
CA LEU A 150 15.60 20.40 -10.06
C LEU A 150 15.79 20.94 -8.65
N VAL A 151 14.69 21.25 -8.00
CA VAL A 151 14.71 21.86 -6.67
C VAL A 151 14.38 20.74 -5.70
N LYS A 152 15.41 20.15 -5.07
CA LYS A 152 15.24 18.84 -4.43
C LYS A 152 15.46 18.90 -2.93
N ASP A 153 14.65 18.10 -2.21
CA ASP A 153 14.88 17.79 -0.80
C ASP A 153 14.70 19.01 0.11
N TYR A 154 13.55 19.67 -0.01
CA TYR A 154 13.24 20.76 0.90
C TYR A 154 12.00 20.43 1.72
N PHE A 155 11.80 21.22 2.76
CA PHE A 155 10.66 21.05 3.65
C PHE A 155 10.48 22.31 4.48
N PRO A 156 9.22 22.76 4.64
CA PRO A 156 8.01 22.27 3.99
C PRO A 156 7.76 23.02 2.71
N GLU A 157 6.60 22.83 2.08
CA GLU A 157 6.14 23.75 1.05
C GLU A 157 5.94 25.15 1.64
N PRO A 158 5.97 26.20 0.80
CA PRO A 158 6.19 26.18 -0.65
C PRO A 158 7.56 26.67 -1.08
N VAL A 159 7.90 26.47 -2.36
CA VAL A 159 9.01 27.17 -3.01
C VAL A 159 8.47 27.88 -4.24
N THR A 160 9.10 29.00 -4.61
CA THR A 160 8.86 29.62 -5.90
C THR A 160 10.15 29.63 -6.72
N VAL A 161 9.98 29.67 -8.04
CA VAL A 161 11.11 29.67 -8.96
C VAL A 161 10.85 30.74 -10.02
N SER A 162 11.87 31.56 -10.29
CA SER A 162 11.81 32.43 -11.45
C SER A 162 13.02 32.14 -12.33
N TRP A 163 13.03 32.73 -13.52
CA TRP A 163 14.15 32.59 -14.44
C TRP A 163 14.65 33.97 -14.84
N ASN A 164 15.96 34.17 -14.73
CA ASN A 164 16.61 35.44 -15.09
C ASN A 164 15.92 36.61 -14.39
N SER A 165 15.69 36.44 -13.08
CA SER A 165 15.11 37.46 -12.21
C SER A 165 13.71 37.87 -12.64
N GLY A 166 12.99 37.00 -13.34
CA GLY A 166 11.68 37.33 -13.83
C GLY A 166 11.63 37.84 -15.24
N ALA A 167 12.78 38.13 -15.85
CA ALA A 167 12.77 38.59 -17.25
C ALA A 167 12.41 37.47 -18.21
N LEU A 168 12.54 36.21 -17.80
CA LEU A 168 12.25 35.06 -18.66
C LEU A 168 10.98 34.37 -18.14
N THR A 169 9.89 34.55 -18.86
CA THR A 169 8.61 33.96 -18.48
C THR A 169 8.02 33.07 -19.56
N SER A 170 8.31 33.34 -20.83
CA SER A 170 7.76 32.55 -21.92
C SER A 170 8.41 31.17 -21.98
N GLY A 171 7.59 30.13 -22.07
CA GLY A 171 8.06 28.78 -22.10
C GLY A 171 8.35 28.15 -20.76
N VAL A 172 8.21 28.88 -19.65
CA VAL A 172 8.55 28.35 -18.32
C VAL A 172 7.42 27.45 -17.82
N HIS A 173 7.78 26.26 -17.33
CA HIS A 173 6.85 25.39 -16.62
C HIS A 173 7.47 25.02 -15.28
N THR A 174 6.82 25.41 -14.18
CA THR A 174 7.23 24.99 -12.85
C THR A 174 6.19 24.02 -12.31
N PHE A 175 6.59 22.80 -12.08
CA PHE A 175 5.70 21.70 -11.78
C PHE A 175 5.29 21.68 -10.32
N PRO A 176 4.13 21.11 -10.01
CA PRO A 176 3.79 20.80 -8.62
C PRO A 176 4.89 19.98 -7.98
N ALA A 177 5.19 20.26 -6.72
CA ALA A 177 6.14 19.46 -5.97
C ALA A 177 5.58 18.08 -5.75
N VAL A 178 6.48 17.11 -5.59
CA VAL A 178 6.12 15.77 -5.17
C VAL A 178 6.69 15.53 -3.79
N LEU A 179 5.96 14.77 -2.98
CA LEU A 179 6.39 14.43 -1.61
C LEU A 179 7.09 13.08 -1.67
N GLN A 180 8.39 13.07 -1.39
CA GLN A 180 9.17 11.86 -1.49
C GLN A 180 8.99 11.02 -0.23
N SER A 181 9.33 9.73 -0.34
CA SER A 181 9.20 8.84 0.80
C SER A 181 10.06 9.29 1.97
N SER A 182 11.13 10.06 1.70
CA SER A 182 11.91 10.64 2.78
C SER A 182 11.13 11.69 3.58
N GLY A 183 9.96 12.13 3.12
CA GLY A 183 9.28 13.25 3.76
C GLY A 183 9.73 14.63 3.30
N LEU A 184 10.68 14.71 2.39
CA LEU A 184 11.07 15.97 1.77
C LEU A 184 10.44 16.07 0.38
N TYR A 185 10.23 17.31 -0.05
CA TYR A 185 9.64 17.63 -1.34
C TYR A 185 10.70 17.81 -2.41
N SER A 186 10.27 17.64 -3.65
CA SER A 186 11.14 17.87 -4.80
C SER A 186 10.28 18.42 -5.93
N LEU A 187 10.78 19.45 -6.61
CA LEU A 187 10.09 19.91 -7.80
C LEU A 187 11.09 20.29 -8.87
N SER A 188 10.59 20.39 -10.10
CA SER A 188 11.40 20.83 -11.22
C SER A 188 10.74 22.04 -11.85
N SER A 189 11.57 22.89 -12.44
CA SER A 189 11.10 24.00 -13.23
C SER A 189 11.91 23.97 -14.53
N VAL A 190 11.22 24.05 -15.67
CA VAL A 190 11.87 23.94 -16.96
C VAL A 190 11.47 25.12 -17.84
N VAL A 191 12.27 25.35 -18.86
CA VAL A 191 11.95 26.35 -19.88
C VAL A 191 12.50 25.86 -21.22
N THR A 192 11.74 26.07 -22.28
CA THR A 192 12.23 25.79 -23.63
C THR A 192 12.69 27.07 -24.29
N VAL A 193 13.84 26.99 -24.94
CA VAL A 193 14.51 28.14 -25.55
C VAL A 193 15.05 27.72 -26.90
N PRO A 194 15.34 28.68 -27.78
CA PRO A 194 15.95 28.33 -29.06
C PRO A 194 17.34 27.75 -28.85
N SER A 195 17.61 26.61 -29.51
CA SER A 195 18.93 26.01 -29.44
C SER A 195 20.02 26.98 -29.86
N SER A 196 19.72 27.90 -30.77
CA SER A 196 20.73 28.85 -31.23
C SER A 196 21.20 29.74 -30.09
N SER A 197 20.33 30.03 -29.12
CA SER A 197 20.67 30.97 -28.07
C SER A 197 21.54 30.37 -26.97
N LEU A 198 21.75 29.05 -26.96
CA LEU A 198 22.48 28.43 -25.85
C LEU A 198 23.91 28.97 -25.75
N GLY A 199 24.50 29.39 -26.87
CA GLY A 199 25.88 29.84 -26.84
C GLY A 199 26.06 31.18 -26.15
N THR A 200 25.12 32.09 -26.34
CA THR A 200 25.25 33.45 -25.86
C THR A 200 24.37 33.79 -24.67
N GLN A 201 23.14 33.28 -24.64
CA GLN A 201 22.18 33.65 -23.60
C GLN A 201 22.45 32.88 -22.30
N THR A 202 22.40 33.59 -21.19
CA THR A 202 22.56 33.00 -19.86
C THR A 202 21.18 32.70 -19.28
N TYR A 203 21.09 31.57 -18.57
CA TYR A 203 19.83 31.11 -17.98
C TYR A 203 20.09 30.80 -16.51
N ILE A 204 19.42 31.53 -15.62
CA ILE A 204 19.57 31.40 -14.19
C ILE A 204 18.19 31.19 -13.59
N CYS A 205 18.04 30.16 -12.77
CA CYS A 205 16.80 29.96 -12.03
C CYS A 205 16.99 30.54 -10.64
N ASN A 206 16.02 31.32 -10.20
CA ASN A 206 16.07 31.96 -8.89
C ASN A 206 15.05 31.24 -8.03
N VAL A 207 15.51 30.45 -7.07
CA VAL A 207 14.59 29.68 -6.24
C VAL A 207 14.50 30.32 -4.86
N ASN A 208 13.27 30.42 -4.35
CA ASN A 208 13.04 31.03 -3.05
C ASN A 208 12.30 30.02 -2.19
N HIS A 209 12.87 29.67 -1.04
CA HIS A 209 12.20 28.80 -0.07
C HIS A 209 12.02 29.62 1.21
N LYS A 210 10.93 30.38 1.25
CA LYS A 210 10.72 31.27 2.38
C LYS A 210 10.69 30.54 3.73
N PRO A 211 10.16 29.32 3.86
CA PRO A 211 10.17 28.66 5.18
C PRO A 211 11.54 28.48 5.79
N SER A 212 12.59 28.30 5.00
CA SER A 212 13.94 28.18 5.56
C SER A 212 14.75 29.45 5.34
N ASN A 213 14.12 30.51 4.83
CA ASN A 213 14.80 31.77 4.56
C ASN A 213 15.93 31.62 3.54
N THR A 214 15.70 30.80 2.51
CA THR A 214 16.73 30.44 1.54
C THR A 214 16.39 30.99 0.16
N LYS A 215 17.35 31.68 -0.45
CA LYS A 215 17.29 32.05 -1.85
C LYS A 215 18.53 31.48 -2.54
N VAL A 216 18.35 30.82 -3.68
CA VAL A 216 19.45 30.23 -4.43
C VAL A 216 19.32 30.62 -5.90
N ASP A 217 20.43 31.00 -6.50
CA ASP A 217 20.52 31.21 -7.94
C ASP A 217 21.39 30.12 -8.54
N LYS A 218 20.91 29.47 -9.59
CA LYS A 218 21.66 28.42 -10.26
C LYS A 218 21.71 28.74 -11.74
N ARG A 219 22.92 28.87 -12.27
CA ARG A 219 23.09 29.03 -13.71
C ARG A 219 23.07 27.66 -14.36
N VAL A 220 22.29 27.52 -15.42
CA VAL A 220 22.10 26.23 -16.08
C VAL A 220 22.84 26.30 -17.41
N GLU A 221 23.93 25.55 -17.52
CA GLU A 221 24.82 25.58 -18.67
C GLU A 221 24.79 24.25 -19.43
N PRO A 222 25.10 24.26 -20.73
CA PRO A 222 25.08 23.04 -21.55
C PRO A 222 26.15 22.03 -21.15
N ILE B 1 -24.85 11.38 4.57
CA ILE B 1 -25.22 11.86 3.23
C ILE B 1 -24.01 11.97 2.34
N VAL B 2 -24.09 11.34 1.18
CA VAL B 2 -23.00 11.36 0.20
C VAL B 2 -23.45 12.15 -1.02
N MET B 3 -22.58 12.99 -1.52
CA MET B 3 -22.81 13.68 -2.78
C MET B 3 -21.86 13.16 -3.84
N THR B 4 -22.40 12.82 -4.99
CA THR B 4 -21.65 12.23 -6.09
C THR B 4 -21.72 13.19 -7.26
N GLN B 5 -20.57 13.72 -7.66
CA GLN B 5 -20.50 14.64 -8.79
C GLN B 5 -20.12 13.89 -10.06
N THR B 6 -20.60 14.38 -11.19
CA THR B 6 -20.41 13.75 -12.49
C THR B 6 -20.40 14.83 -13.55
N PRO B 7 -19.49 14.74 -14.55
CA PRO B 7 -18.36 13.82 -14.65
C PRO B 7 -17.25 14.26 -13.70
N LEU B 8 -16.17 13.47 -13.56
CA LEU B 8 -15.05 13.93 -12.76
C LEU B 8 -14.31 15.06 -13.47
N SER B 9 -14.27 15.02 -14.79
CA SER B 9 -13.61 16.05 -15.57
C SER B 9 -14.40 16.29 -16.85
N LEU B 10 -14.50 17.54 -17.23
CA LEU B 10 -15.28 17.94 -18.39
C LEU B 10 -14.42 18.89 -19.22
N SER B 11 -14.34 18.63 -20.51
CA SER B 11 -13.64 19.50 -21.46
C SER B 11 -14.67 20.19 -22.33
N VAL B 12 -14.58 21.51 -22.42
CA VAL B 12 -15.54 22.29 -23.18
C VAL B 12 -14.78 23.21 -24.13
N THR B 13 -15.07 23.07 -25.43
CA THR B 13 -14.72 24.12 -26.36
C THR B 13 -15.34 25.43 -25.86
N PRO B 14 -14.58 26.52 -25.84
CA PRO B 14 -15.15 27.79 -25.35
C PRO B 14 -16.32 28.22 -26.21
N GLY B 15 -17.24 28.96 -25.58
CA GLY B 15 -18.47 29.37 -26.22
C GLY B 15 -19.57 28.33 -26.20
N GLN B 16 -19.24 27.06 -26.00
CA GLN B 16 -20.19 25.98 -25.82
C GLN B 16 -20.71 25.95 -24.38
N PRO B 17 -21.92 25.45 -24.17
CA PRO B 17 -22.43 25.30 -22.79
C PRO B 17 -21.82 24.09 -22.09
N ALA B 18 -21.98 24.08 -20.77
CA ALA B 18 -21.45 23.00 -19.94
C ALA B 18 -22.43 22.66 -18.84
N SER B 19 -22.44 21.38 -18.46
CA SER B 19 -23.36 20.84 -17.46
C SER B 19 -22.58 20.01 -16.47
N ILE B 20 -22.82 20.26 -15.17
CA ILE B 20 -22.24 19.47 -14.10
C ILE B 20 -23.37 19.02 -13.20
N SER B 21 -23.31 17.77 -12.76
CA SER B 21 -24.39 17.23 -11.96
C SER B 21 -23.88 16.83 -10.58
N CYS B 22 -24.79 16.89 -9.62
CA CYS B 22 -24.50 16.50 -8.25
C CYS B 22 -25.71 15.73 -7.74
N LYS B 23 -25.51 14.47 -7.38
CA LYS B 23 -26.61 13.64 -6.92
C LYS B 23 -26.41 13.33 -5.44
N SER B 24 -27.44 13.58 -4.63
CA SER B 24 -27.38 13.37 -3.19
C SER B 24 -27.99 12.02 -2.85
N SER B 25 -27.47 11.39 -1.79
CA SER B 25 -27.98 10.08 -1.38
C SER B 25 -29.36 10.16 -0.75
N GLN B 26 -29.79 11.34 -0.31
CA GLN B 26 -31.17 11.52 0.12
C GLN B 26 -31.59 12.93 -0.22
N SER B 27 -32.89 13.19 -0.12
CA SER B 27 -33.42 14.50 -0.50
C SER B 27 -32.82 15.60 0.37
N LEU B 28 -32.40 16.69 -0.28
CA LEU B 28 -31.92 17.87 0.42
C LEU B 28 -33.04 18.89 0.65
N LEU B 29 -34.27 18.52 0.33
CA LEU B 29 -35.43 19.40 0.51
C LEU B 29 -35.75 19.51 2.00
N HIS B 30 -35.36 20.62 2.62
CA HIS B 30 -35.80 20.86 3.98
C HIS B 30 -37.31 21.07 3.96
N SER B 31 -37.99 20.59 4.99
CA SER B 31 -39.44 20.73 5.04
C SER B 31 -39.86 22.20 5.03
N ASP B 32 -39.58 22.91 3.94
CA ASP B 32 -39.91 24.33 3.81
C ASP B 32 -39.64 24.89 2.42
N GLY B 33 -39.44 24.01 1.44
CA GLY B 33 -39.14 24.43 0.09
C GLY B 33 -37.67 24.76 -0.13
N LYS B 34 -36.96 25.13 0.93
CA LYS B 34 -35.52 25.35 0.82
C LYS B 34 -34.80 24.01 0.65
N THR B 35 -33.95 23.90 -0.36
CA THR B 35 -33.13 22.72 -0.50
C THR B 35 -31.67 23.12 -0.38
N TYR B 36 -30.96 22.47 0.54
CA TYR B 36 -29.67 22.93 1.05
C TYR B 36 -28.56 22.32 0.22
N LEU B 37 -28.41 22.85 -0.99
CA LEU B 37 -27.39 22.39 -1.93
C LEU B 37 -26.80 23.65 -2.53
N TYR B 38 -25.50 23.88 -2.32
CA TYR B 38 -24.79 25.02 -2.89
C TYR B 38 -23.67 24.58 -3.81
N TRP B 39 -23.26 25.49 -4.69
CA TRP B 39 -22.17 25.27 -5.64
C TRP B 39 -21.06 26.28 -5.42
N TYR B 40 -19.83 25.80 -5.41
CA TYR B 40 -18.64 26.64 -5.30
C TYR B 40 -17.71 26.33 -6.47
N LEU B 41 -16.97 27.36 -6.90
CA LEU B 41 -15.89 27.20 -7.86
C LEU B 41 -14.57 27.50 -7.15
N GLN B 42 -13.56 26.67 -7.38
CA GLN B 42 -12.22 26.97 -6.87
C GLN B 42 -11.24 26.96 -8.02
N LYS B 43 -10.60 28.11 -8.26
CA LYS B 43 -9.58 28.20 -9.30
C LYS B 43 -8.21 27.90 -8.72
N PRO B 44 -7.25 27.49 -9.54
CA PRO B 44 -5.94 27.09 -8.98
C PRO B 44 -5.31 28.24 -8.21
N GLY B 45 -4.78 27.92 -7.03
CA GLY B 45 -4.13 28.89 -6.16
C GLY B 45 -5.06 29.80 -5.38
N GLN B 46 -6.38 29.67 -5.54
CA GLN B 46 -7.33 30.59 -4.92
C GLN B 46 -8.24 29.86 -3.95
N SER B 47 -8.83 30.63 -3.03
CA SER B 47 -9.86 30.11 -2.16
C SER B 47 -11.12 29.78 -2.97
N PRO B 48 -11.99 28.92 -2.46
CA PRO B 48 -13.28 28.69 -3.13
C PRO B 48 -14.09 29.98 -3.14
N GLN B 49 -15.02 30.07 -4.11
CA GLN B 49 -15.96 31.18 -4.18
C GLN B 49 -17.36 30.63 -4.43
N LEU B 50 -18.35 31.21 -3.74
CA LEU B 50 -19.73 30.79 -3.87
C LEU B 50 -20.30 31.15 -5.25
N LEU B 51 -20.98 30.20 -5.89
CA LEU B 51 -21.64 30.47 -7.16
C LEU B 51 -23.16 30.45 -7.04
N ILE B 52 -23.71 29.37 -6.52
CA ILE B 52 -25.15 29.15 -6.46
C ILE B 52 -25.48 28.69 -5.06
N TYR B 53 -26.55 29.22 -4.48
CA TYR B 53 -26.98 28.72 -3.19
C TYR B 53 -28.47 28.38 -3.20
N GLU B 54 -28.82 27.44 -2.32
CA GLU B 54 -30.16 26.87 -2.19
C GLU B 54 -30.73 26.45 -3.54
N VAL B 55 -29.96 25.59 -4.24
CA VAL B 55 -30.36 24.97 -5.51
C VAL B 55 -30.12 25.87 -6.71
N SER B 56 -30.69 27.07 -6.68
CA SER B 56 -30.84 27.84 -7.91
C SER B 56 -30.53 29.31 -7.78
N ASN B 57 -30.21 29.82 -6.59
CA ASN B 57 -30.02 31.25 -6.40
C ASN B 57 -28.59 31.62 -6.73
N ARG B 58 -28.41 32.52 -7.68
CA ARG B 58 -27.10 33.02 -8.06
C ARG B 58 -26.61 34.00 -7.00
N LEU B 59 -25.36 33.82 -6.56
CA LEU B 59 -24.77 34.73 -5.59
C LEU B 59 -24.56 36.10 -6.23
N SER B 60 -24.47 37.10 -5.36
CA SER B 60 -24.21 38.48 -5.80
C SER B 60 -22.91 38.55 -6.59
N GLY B 61 -22.99 39.17 -7.77
CA GLY B 61 -21.83 39.37 -8.61
C GLY B 61 -21.53 38.22 -9.54
N VAL B 62 -22.15 37.06 -9.35
CA VAL B 62 -21.94 35.91 -10.25
C VAL B 62 -22.60 36.22 -11.59
N PRO B 63 -21.89 36.04 -12.71
CA PRO B 63 -22.49 36.34 -14.02
C PRO B 63 -23.67 35.43 -14.29
N ASP B 64 -24.61 35.93 -15.10
CA ASP B 64 -25.86 35.21 -15.27
C ASP B 64 -25.77 34.09 -16.29
N ARG B 65 -24.60 33.84 -16.87
CA ARG B 65 -24.44 32.60 -17.62
C ARG B 65 -24.44 31.37 -16.72
N PHE B 66 -24.28 31.54 -15.40
CA PHE B 66 -24.34 30.46 -14.44
C PHE B 66 -25.76 30.29 -13.93
N SER B 67 -26.21 29.04 -13.82
CA SER B 67 -27.47 28.76 -13.17
C SER B 67 -27.42 27.39 -12.54
N GLY B 68 -28.31 27.18 -11.59
CA GLY B 68 -28.44 25.88 -10.95
C GLY B 68 -29.88 25.47 -10.94
N SER B 69 -30.10 24.16 -10.87
CA SER B 69 -31.44 23.63 -10.71
C SER B 69 -31.38 22.31 -9.97
N GLY B 70 -32.55 21.86 -9.52
CA GLY B 70 -32.71 20.57 -8.87
C GLY B 70 -33.61 20.71 -7.68
N SER B 71 -34.43 19.71 -7.39
CA SER B 71 -35.47 19.87 -6.37
C SER B 71 -35.27 19.02 -5.13
N GLY B 72 -34.59 17.89 -5.24
CA GLY B 72 -34.48 17.00 -4.10
C GLY B 72 -33.17 16.27 -4.02
N THR B 73 -32.89 15.41 -5.02
CA THR B 73 -31.69 14.59 -5.03
C THR B 73 -30.78 14.78 -6.23
N ASP B 74 -31.28 15.35 -7.33
CA ASP B 74 -30.46 15.51 -8.53
C ASP B 74 -30.32 16.99 -8.85
N PHE B 75 -29.08 17.47 -8.84
CA PHE B 75 -28.80 18.88 -9.01
C PHE B 75 -27.85 19.05 -10.17
N THR B 76 -28.00 20.18 -10.86
CA THR B 76 -27.22 20.47 -12.06
C THR B 76 -26.80 21.93 -12.02
N LEU B 77 -25.53 22.16 -12.31
CA LEU B 77 -24.99 23.49 -12.52
C LEU B 77 -24.77 23.64 -14.01
N LYS B 78 -25.28 24.72 -14.59
CA LYS B 78 -25.16 24.91 -16.03
C LYS B 78 -24.51 26.25 -16.35
N ILE B 79 -23.64 26.24 -17.35
CA ILE B 79 -23.00 27.44 -17.87
C ILE B 79 -23.48 27.67 -19.29
N SER B 80 -24.14 28.82 -19.52
CA SER B 80 -24.66 29.17 -20.85
C SER B 80 -23.60 28.99 -21.92
N ARG B 81 -22.49 29.70 -21.78
CA ARG B 81 -21.41 29.71 -22.75
C ARG B 81 -20.10 29.75 -21.97
N VAL B 82 -19.30 28.70 -22.08
CA VAL B 82 -18.09 28.58 -21.28
C VAL B 82 -17.09 29.62 -21.75
N GLU B 83 -16.89 30.66 -20.96
CA GLU B 83 -15.70 31.48 -21.08
C GLU B 83 -14.53 30.74 -20.45
N THR B 84 -13.31 31.05 -20.87
CA THR B 84 -12.17 30.29 -20.39
C THR B 84 -11.81 30.60 -18.95
N GLU B 85 -12.32 31.68 -18.37
CA GLU B 85 -12.11 31.94 -16.95
C GLU B 85 -12.76 30.90 -16.06
N ASP B 86 -13.69 30.10 -16.59
CA ASP B 86 -14.48 29.17 -15.82
C ASP B 86 -13.74 27.88 -15.51
N VAL B 87 -12.52 27.71 -16.02
CA VAL B 87 -11.73 26.53 -15.72
C VAL B 87 -11.45 26.47 -14.23
N GLY B 88 -11.52 25.27 -13.66
CA GLY B 88 -11.30 25.12 -12.23
C GLY B 88 -11.99 23.86 -11.72
N VAL B 89 -12.14 23.78 -10.40
CA VAL B 89 -12.86 22.67 -9.79
C VAL B 89 -14.17 23.21 -9.22
N TYR B 90 -15.26 22.57 -9.61
CA TYR B 90 -16.58 22.88 -9.09
C TYR B 90 -16.95 21.88 -8.01
N TYR B 91 -17.39 22.39 -6.87
CA TYR B 91 -17.84 21.56 -5.75
C TYR B 91 -19.29 21.88 -5.44
N CYS B 92 -20.10 20.85 -5.25
CA CYS B 92 -21.38 21.03 -4.59
C CYS B 92 -21.21 20.78 -3.10
N MET B 93 -22.12 21.36 -2.31
CA MET B 93 -22.05 21.24 -0.86
C MET B 93 -23.46 21.18 -0.30
N GLN B 94 -23.74 20.17 0.51
CA GLN B 94 -25.04 20.04 1.14
C GLN B 94 -24.88 20.35 2.62
N SER B 95 -25.87 21.05 3.17
CA SER B 95 -25.85 21.43 4.58
C SER B 95 -27.22 21.22 5.22
N ILE B 96 -27.80 20.04 4.98
CA ILE B 96 -29.16 19.76 5.48
C ILE B 96 -29.20 19.78 7.00
N GLN B 97 -28.22 19.40 7.78
CA GLN B 97 -28.16 19.07 9.20
C GLN B 97 -26.74 19.34 9.73
N VAL B 98 -26.66 20.19 10.60
CA VAL B 98 -25.41 20.35 11.37
C VAL B 98 -25.19 19.13 12.28
N PRO B 99 -23.93 18.67 12.45
CA PRO B 99 -22.66 19.02 11.81
C PRO B 99 -22.29 17.99 10.75
N LEU B 100 -23.26 17.68 9.88
CA LEU B 100 -23.14 16.63 8.89
C LEU B 100 -23.04 17.17 7.46
N TYR B 101 -22.64 18.43 7.33
CA TYR B 101 -22.41 19.02 6.01
C TYR B 101 -21.32 18.27 5.28
N THR B 102 -21.45 18.15 3.96
CA THR B 102 -20.39 17.52 3.17
C THR B 102 -20.26 18.21 1.83
N PHE B 103 -19.12 17.98 1.20
CA PHE B 103 -18.87 18.41 -0.17
C PHE B 103 -18.86 17.21 -1.11
N GLY B 104 -19.21 17.46 -2.36
CA GLY B 104 -18.91 16.50 -3.39
C GLY B 104 -17.42 16.44 -3.64
N GLN B 105 -17.01 15.48 -4.46
CA GLN B 105 -15.57 15.30 -4.67
C GLN B 105 -15.00 16.30 -5.67
N GLY B 106 -15.85 17.04 -6.39
CA GLY B 106 -15.33 18.03 -7.29
C GLY B 106 -15.34 17.57 -8.75
N THR B 107 -15.73 18.47 -9.66
CA THR B 107 -15.59 18.20 -11.09
C THR B 107 -14.65 19.25 -11.67
N ARG B 108 -13.66 18.77 -12.41
CA ARG B 108 -12.67 19.65 -13.01
C ARG B 108 -13.13 20.04 -14.41
N LEU B 109 -13.20 21.34 -14.67
CA LEU B 109 -13.57 21.87 -15.98
C LEU B 109 -12.32 22.35 -16.68
N GLU B 110 -12.09 21.85 -17.90
CA GLU B 110 -10.92 22.23 -18.67
C GLU B 110 -11.36 22.67 -20.06
N ILE B 111 -10.45 23.34 -20.77
CA ILE B 111 -10.71 23.81 -22.11
C ILE B 111 -10.39 22.70 -23.11
N LYS B 112 -11.35 22.40 -23.98
CA LYS B 112 -11.12 21.45 -25.06
C LYS B 112 -10.37 22.11 -26.21
N ARG B 113 -9.37 21.40 -26.72
CA ARG B 113 -8.55 21.85 -27.83
C ARG B 113 -8.23 20.66 -28.71
N THR B 114 -7.55 20.93 -29.82
CA THR B 114 -7.15 19.85 -30.70
C THR B 114 -6.03 19.03 -30.07
N VAL B 115 -5.96 17.76 -30.47
CA VAL B 115 -4.95 16.88 -29.92
C VAL B 115 -3.56 17.39 -30.25
N ALA B 116 -2.68 17.37 -29.26
CA ALA B 116 -1.31 17.84 -29.40
C ALA B 116 -0.39 16.85 -28.72
N ALA B 117 0.57 16.33 -29.47
CA ALA B 117 1.46 15.30 -28.95
C ALA B 117 2.54 15.91 -28.07
N PRO B 118 3.01 15.18 -27.06
CA PRO B 118 4.09 15.72 -26.22
C PRO B 118 5.39 15.84 -27.00
N SER B 119 6.12 16.90 -26.71
CA SER B 119 7.54 16.98 -27.01
C SER B 119 8.30 16.46 -25.79
N VAL B 120 9.15 15.46 -25.98
CA VAL B 120 9.75 14.70 -24.90
C VAL B 120 11.22 15.08 -24.78
N PHE B 121 11.69 15.22 -23.53
CA PHE B 121 13.10 15.46 -23.24
C PHE B 121 13.49 14.59 -22.07
N ILE B 122 14.75 14.15 -22.04
CA ILE B 122 15.26 13.39 -20.90
C ILE B 122 16.52 14.09 -20.37
N PHE B 123 16.67 14.11 -19.05
CA PHE B 123 17.76 14.81 -18.40
C PHE B 123 18.55 13.84 -17.52
N PRO B 124 19.86 13.69 -17.72
CA PRO B 124 20.65 12.88 -16.76
C PRO B 124 20.74 13.59 -15.43
N PRO B 125 21.17 12.89 -14.39
CA PRO B 125 21.53 13.58 -13.16
C PRO B 125 22.76 14.45 -13.36
N SER B 126 22.82 15.54 -12.61
CA SER B 126 23.98 16.42 -12.69
C SER B 126 25.16 15.77 -11.96
N ASP B 127 26.37 16.16 -12.37
CA ASP B 127 27.56 15.75 -11.63
C ASP B 127 27.46 16.20 -10.18
N GLU B 128 26.99 17.42 -9.95
CA GLU B 128 26.82 17.93 -8.59
C GLU B 128 25.96 16.99 -7.74
N GLN B 129 24.79 16.59 -8.25
CA GLN B 129 23.95 15.69 -7.46
C GLN B 129 24.65 14.35 -7.23
N LEU B 130 25.29 13.81 -8.26
CA LEU B 130 25.97 12.52 -8.11
C LEU B 130 26.96 12.52 -6.96
N LYS B 131 27.63 13.65 -6.73
CA LYS B 131 28.56 13.76 -5.60
C LYS B 131 27.89 13.48 -4.27
N SER B 132 26.58 13.64 -4.19
CA SER B 132 25.85 13.45 -2.94
C SER B 132 25.33 12.03 -2.76
N GLY B 133 25.42 11.18 -3.78
CA GLY B 133 25.08 9.79 -3.63
C GLY B 133 23.70 9.35 -4.10
N THR B 134 22.91 10.25 -4.69
CA THR B 134 21.65 9.86 -5.30
C THR B 134 21.61 10.41 -6.71
N ALA B 135 20.82 9.75 -7.56
CA ALA B 135 20.68 10.15 -8.96
C ALA B 135 19.22 10.37 -9.28
N SER B 136 18.89 11.58 -9.77
CA SER B 136 17.55 11.87 -10.25
C SER B 136 17.63 11.98 -11.76
N VAL B 137 16.89 11.13 -12.44
CA VAL B 137 16.74 11.17 -13.90
C VAL B 137 15.36 11.73 -14.17
N VAL B 138 15.28 12.77 -14.99
CA VAL B 138 14.05 13.53 -15.16
C VAL B 138 13.60 13.43 -16.61
N CYS B 139 12.32 13.11 -16.80
CA CYS B 139 11.71 13.06 -18.13
C CYS B 139 10.66 14.15 -18.22
N LEU B 140 10.65 14.89 -19.33
CA LEU B 140 9.74 16.01 -19.52
C LEU B 140 8.87 15.79 -20.76
N LEU B 141 7.55 15.90 -20.59
CA LEU B 141 6.61 15.87 -21.71
C LEU B 141 6.00 17.26 -21.81
N ASN B 142 6.33 17.98 -22.86
CA ASN B 142 6.00 19.39 -22.93
C ASN B 142 4.79 19.59 -23.84
N ASN B 143 3.81 20.36 -23.35
CA ASN B 143 2.72 20.93 -24.15
C ASN B 143 1.94 19.87 -24.94
N PHE B 144 1.20 19.03 -24.20
CA PHE B 144 0.40 18.01 -24.83
C PHE B 144 -1.07 18.13 -24.41
N TYR B 145 -1.93 17.51 -25.22
CA TYR B 145 -3.37 17.41 -24.92
C TYR B 145 -3.95 16.21 -25.64
N PRO B 146 -4.82 15.44 -24.98
CA PRO B 146 -5.35 15.67 -23.63
C PRO B 146 -4.40 15.28 -22.51
N ARG B 147 -4.91 15.31 -21.28
CA ARG B 147 -4.05 15.21 -20.11
C ARG B 147 -3.49 13.81 -19.93
N GLU B 148 -4.31 12.80 -20.22
CA GLU B 148 -3.90 11.42 -20.00
C GLU B 148 -2.65 11.08 -20.79
N ALA B 149 -1.65 10.53 -20.10
CA ALA B 149 -0.40 10.15 -20.74
C ALA B 149 0.29 9.10 -19.88
N LYS B 150 1.16 8.31 -20.52
CA LYS B 150 1.85 7.22 -19.82
C LYS B 150 3.35 7.38 -20.05
N VAL B 151 4.10 7.47 -18.95
CA VAL B 151 5.55 7.44 -18.98
C VAL B 151 6.02 6.10 -18.45
N GLN B 152 6.83 5.40 -19.24
CA GLN B 152 7.45 4.15 -18.81
C GLN B 152 8.95 4.36 -18.76
N TRP B 153 9.55 4.15 -17.59
CA TRP B 153 11.00 4.19 -17.46
C TRP B 153 11.59 2.81 -17.72
N LYS B 154 12.68 2.77 -18.49
CA LYS B 154 13.39 1.54 -18.82
C LYS B 154 14.87 1.76 -18.61
N VAL B 155 15.51 0.85 -17.86
CA VAL B 155 16.94 0.88 -17.62
C VAL B 155 17.54 -0.41 -18.17
N ASP B 156 18.44 -0.28 -19.14
CA ASP B 156 18.92 -1.42 -19.94
C ASP B 156 17.77 -2.30 -20.38
N ASN B 157 16.72 -1.66 -20.90
CA ASN B 157 15.52 -2.31 -21.42
C ASN B 157 14.79 -3.14 -20.35
N ALA B 158 14.94 -2.80 -19.08
CA ALA B 158 14.18 -3.44 -18.02
C ALA B 158 13.14 -2.46 -17.50
N LEU B 159 11.88 -2.86 -17.55
CA LEU B 159 10.78 -1.99 -17.15
C LEU B 159 10.88 -1.63 -15.67
N GLN B 160 10.86 -0.33 -15.37
CA GLN B 160 10.95 0.14 -14.00
C GLN B 160 9.55 0.35 -13.42
N SER B 161 9.43 0.13 -12.12
CA SER B 161 8.19 0.46 -11.43
C SER B 161 8.51 0.68 -9.96
N GLY B 162 7.79 1.62 -9.35
CA GLY B 162 7.92 1.89 -7.94
C GLY B 162 9.03 2.86 -7.57
N ASN B 163 9.86 3.29 -8.52
CA ASN B 163 10.97 4.17 -8.22
C ASN B 163 10.87 5.52 -8.94
N SER B 164 9.65 5.96 -9.27
CA SER B 164 9.47 7.23 -9.93
C SER B 164 8.22 7.93 -9.40
N GLN B 165 8.24 9.25 -9.47
CA GLN B 165 7.07 10.08 -9.20
C GLN B 165 6.90 11.08 -10.33
N GLU B 166 5.66 11.52 -10.55
CA GLU B 166 5.38 12.49 -11.59
C GLU B 166 4.40 13.53 -11.09
N SER B 167 4.35 14.66 -11.80
CA SER B 167 3.33 15.67 -11.55
C SER B 167 3.09 16.41 -12.86
N VAL B 168 1.98 17.15 -12.91
CA VAL B 168 1.43 17.71 -14.14
C VAL B 168 1.06 19.16 -13.85
N THR B 169 1.36 20.06 -14.79
CA THR B 169 0.98 21.46 -14.60
C THR B 169 -0.53 21.65 -14.79
N GLU B 170 -1.02 22.80 -14.34
CA GLU B 170 -2.36 23.22 -14.69
C GLU B 170 -2.42 23.51 -16.19
N GLN B 171 -3.63 23.45 -16.74
CA GLN B 171 -3.81 23.76 -18.16
C GLN B 171 -3.24 25.14 -18.47
N ASP B 172 -2.37 25.22 -19.47
CA ASP B 172 -1.83 26.50 -19.87
C ASP B 172 -2.93 27.36 -20.49
N SER B 173 -3.00 28.62 -20.07
CA SER B 173 -4.09 29.48 -20.52
C SER B 173 -3.97 29.81 -22.00
N LYS B 174 -2.74 29.90 -22.52
CA LYS B 174 -2.56 30.27 -23.92
C LYS B 174 -2.98 29.14 -24.86
N ASP B 175 -2.33 27.97 -24.75
CA ASP B 175 -2.52 26.91 -25.73
C ASP B 175 -3.33 25.73 -25.22
N SER B 176 -3.82 25.76 -23.98
CA SER B 176 -4.67 24.71 -23.43
C SER B 176 -3.96 23.37 -23.34
N THR B 177 -2.64 23.37 -23.29
CA THR B 177 -1.88 22.13 -23.18
C THR B 177 -1.47 21.90 -21.74
N TYR B 178 -1.05 20.66 -21.47
CA TYR B 178 -0.46 20.25 -20.20
C TYR B 178 1.00 19.91 -20.40
N SER B 179 1.75 19.98 -19.32
CA SER B 179 3.12 19.47 -19.28
C SER B 179 3.27 18.54 -18.09
N LEU B 180 4.17 17.57 -18.24
CA LEU B 180 4.36 16.52 -17.26
C LEU B 180 5.85 16.26 -17.09
N SER B 181 6.27 16.09 -15.84
CA SER B 181 7.65 15.73 -15.56
C SER B 181 7.64 14.52 -14.63
N SER B 182 8.45 13.52 -15.00
CA SER B 182 8.59 12.29 -14.24
C SER B 182 10.02 12.19 -13.76
N THR B 183 10.20 11.88 -12.48
CA THR B 183 11.52 11.78 -11.88
C THR B 183 11.77 10.34 -11.46
N LEU B 184 12.79 9.73 -12.04
CA LEU B 184 13.26 8.40 -11.65
C LEU B 184 14.41 8.59 -10.66
N THR B 185 14.30 7.98 -9.49
CA THR B 185 15.32 8.15 -8.46
C THR B 185 15.99 6.81 -8.20
N LEU B 186 17.31 6.81 -8.20
CA LEU B 186 18.11 5.67 -7.79
C LEU B 186 19.29 6.20 -6.97
N SER B 187 19.93 5.28 -6.25
CA SER B 187 21.17 5.62 -5.60
C SER B 187 22.29 5.71 -6.64
N LYS B 188 23.31 6.50 -6.30
CA LYS B 188 24.47 6.63 -7.18
C LYS B 188 25.03 5.25 -7.54
N ALA B 189 25.13 4.36 -6.55
CA ALA B 189 25.61 3.00 -6.81
C ALA B 189 24.74 2.30 -7.85
N ASP B 190 23.42 2.30 -7.65
CA ASP B 190 22.53 1.67 -8.63
C ASP B 190 22.60 2.36 -9.98
N TYR B 191 22.71 3.69 -9.99
CA TYR B 191 22.77 4.42 -11.24
C TYR B 191 23.97 3.98 -12.07
N GLU B 192 25.13 3.88 -11.43
CA GLU B 192 26.40 3.59 -12.11
C GLU B 192 26.53 2.15 -12.55
N LYS B 193 25.54 1.30 -12.28
CA LYS B 193 25.59 -0.10 -12.69
C LYS B 193 24.84 -0.35 -14.00
N HIS B 194 24.39 0.69 -14.69
CA HIS B 194 23.61 0.54 -15.91
C HIS B 194 24.02 1.58 -16.93
N LYS B 195 23.70 1.31 -18.20
CA LYS B 195 24.13 2.15 -19.31
C LYS B 195 23.01 3.04 -19.84
N VAL B 196 21.93 2.44 -20.36
CA VAL B 196 20.93 3.17 -21.12
C VAL B 196 19.73 3.46 -20.23
N TYR B 197 19.43 4.74 -20.09
CA TYR B 197 18.28 5.23 -19.34
C TYR B 197 17.28 5.81 -20.33
N ALA B 198 16.05 5.33 -20.27
CA ALA B 198 15.10 5.59 -21.34
C ALA B 198 13.75 6.00 -20.78
N CYS B 199 13.17 7.01 -21.40
CA CYS B 199 11.83 7.48 -21.11
C CYS B 199 10.93 7.14 -22.29
N GLU B 200 9.93 6.28 -22.07
CA GLU B 200 9.01 5.84 -23.11
C GLU B 200 7.62 6.44 -22.85
N VAL B 201 7.11 7.19 -23.82
CA VAL B 201 5.91 7.99 -23.65
C VAL B 201 4.81 7.45 -24.56
N THR B 202 3.63 7.24 -23.97
CA THR B 202 2.42 6.86 -24.71
C THR B 202 1.42 8.00 -24.62
N HIS B 203 1.02 8.55 -25.77
CA HIS B 203 0.00 9.59 -25.79
C HIS B 203 -0.86 9.42 -27.03
N GLN B 204 -2.07 9.98 -26.96
CA GLN B 204 -3.03 9.84 -28.05
C GLN B 204 -2.51 10.48 -29.33
N GLY B 205 -1.78 11.59 -29.22
CA GLY B 205 -1.22 12.26 -30.37
C GLY B 205 0.03 11.64 -30.95
N LEU B 206 0.43 10.48 -30.45
CA LEU B 206 1.60 9.75 -30.94
C LEU B 206 1.13 8.44 -31.54
N SER B 207 1.42 8.24 -32.83
CA SER B 207 1.03 7.00 -33.49
C SER B 207 1.77 5.81 -32.88
N SER B 208 3.04 5.99 -32.56
CA SER B 208 3.86 5.02 -31.87
C SER B 208 4.47 5.66 -30.63
N PRO B 209 4.73 4.89 -29.58
CA PRO B 209 5.37 5.47 -28.39
C PRO B 209 6.74 6.05 -28.72
N VAL B 210 6.96 7.29 -28.27
CA VAL B 210 8.26 7.92 -28.41
C VAL B 210 9.14 7.50 -27.24
N THR B 211 10.38 7.15 -27.54
CA THR B 211 11.39 6.85 -26.52
C THR B 211 12.51 7.87 -26.65
N LYS B 212 12.90 8.47 -25.53
CA LYS B 212 14.09 9.30 -25.44
C LYS B 212 15.04 8.63 -24.45
N SER B 213 16.31 8.48 -24.83
CA SER B 213 17.24 7.76 -24.00
C SER B 213 18.59 8.45 -24.01
N PHE B 214 19.45 8.06 -23.05
CA PHE B 214 20.85 8.46 -23.06
C PHE B 214 21.68 7.33 -22.47
N ASN B 215 22.96 7.33 -22.82
CA ASN B 215 23.93 6.42 -22.25
C ASN B 215 24.65 7.17 -21.14
N ARG B 216 24.60 6.65 -19.93
CA ARG B 216 25.18 7.34 -18.79
C ARG B 216 26.64 7.68 -19.07
N GLY B 217 26.99 8.95 -18.86
CA GLY B 217 28.32 9.43 -19.16
C GLY B 217 28.54 9.94 -20.57
N GLU B 218 27.46 10.30 -21.28
CA GLU B 218 27.53 10.88 -22.62
C GLU B 218 28.23 9.94 -23.60
N GLN C 1 17.20 -45.58 -4.37
CA GLN C 1 16.42 -44.37 -4.21
C GLN C 1 15.50 -44.51 -2.98
N VAL C 2 15.84 -43.77 -1.93
CA VAL C 2 15.01 -43.73 -0.73
C VAL C 2 13.67 -43.08 -1.07
N GLN C 3 12.57 -43.71 -0.63
CA GLN C 3 11.25 -43.11 -0.63
C GLN C 3 10.61 -43.27 0.73
N LEU C 4 9.93 -42.23 1.21
CA LEU C 4 9.08 -42.27 2.39
C LEU C 4 7.70 -41.73 1.99
N VAL C 5 6.70 -42.61 1.93
CA VAL C 5 5.37 -42.26 1.46
C VAL C 5 4.41 -42.29 2.64
N GLN C 6 3.87 -41.13 2.98
CA GLN C 6 3.00 -41.03 4.14
C GLN C 6 1.54 -41.17 3.73
N SER C 7 0.72 -41.60 4.67
CA SER C 7 -0.72 -41.68 4.45
C SER C 7 -1.31 -40.28 4.25
N GLY C 8 -2.60 -40.25 3.88
CA GLY C 8 -3.25 -39.01 3.53
C GLY C 8 -3.72 -38.18 4.72
N ALA C 9 -4.12 -36.94 4.40
CA ALA C 9 -4.52 -35.96 5.40
C ALA C 9 -5.66 -36.49 6.26
N GLU C 10 -5.72 -36.00 7.48
CA GLU C 10 -6.65 -36.50 8.47
C GLU C 10 -7.36 -35.32 9.12
N VAL C 11 -8.64 -35.49 9.42
CA VAL C 11 -9.39 -34.56 10.25
C VAL C 11 -9.87 -35.30 11.48
N LYS C 12 -9.70 -34.69 12.66
CA LYS C 12 -10.05 -35.35 13.91
C LYS C 12 -10.73 -34.36 14.85
N LYS C 13 -11.58 -34.87 15.72
CA LYS C 13 -12.14 -33.99 16.71
C LYS C 13 -11.26 -33.97 17.96
N PRO C 14 -11.33 -32.91 18.76
CA PRO C 14 -10.51 -32.87 19.98
C PRO C 14 -10.88 -34.02 20.90
N GLY C 15 -9.87 -34.55 21.57
CA GLY C 15 -10.00 -35.76 22.35
C GLY C 15 -9.70 -37.03 21.57
N ALA C 16 -9.71 -36.98 20.25
CA ALA C 16 -9.52 -38.19 19.48
C ALA C 16 -8.02 -38.50 19.37
N SER C 17 -7.73 -39.60 18.68
CA SER C 17 -6.37 -40.04 18.40
C SER C 17 -6.21 -40.15 16.89
N VAL C 18 -4.99 -39.96 16.39
CA VAL C 18 -4.73 -40.03 14.96
C VAL C 18 -3.57 -40.99 14.72
N ARG C 19 -3.68 -41.77 13.66
CA ARG C 19 -2.62 -42.69 13.23
C ARG C 19 -2.15 -42.23 11.87
N VAL C 20 -0.85 -41.96 11.75
CA VAL C 20 -0.22 -41.62 10.48
C VAL C 20 0.80 -42.70 10.16
N SER C 21 0.85 -43.09 8.90
CA SER C 21 1.80 -44.14 8.50
C SER C 21 2.82 -43.57 7.54
N CYS C 22 3.92 -44.31 7.38
CA CYS C 22 5.06 -43.90 6.56
C CYS C 22 5.67 -45.16 5.96
N LYS C 23 5.39 -45.39 4.68
CA LYS C 23 5.93 -46.54 3.96
C LYS C 23 7.32 -46.24 3.42
N ALA C 24 8.32 -46.97 3.91
CA ALA C 24 9.69 -46.78 3.46
C ALA C 24 10.05 -47.78 2.37
N SER C 25 11.02 -47.40 1.52
CA SER C 25 11.53 -48.30 0.50
C SER C 25 12.88 -47.79 0.02
N GLY C 26 13.66 -48.69 -0.58
CA GLY C 26 14.91 -48.31 -1.23
C GLY C 26 16.18 -48.54 -0.44
N TYR C 27 16.08 -49.10 0.76
CA TYR C 27 17.23 -49.29 1.64
C TYR C 27 16.88 -50.40 2.61
N THR C 28 17.86 -50.80 3.43
CA THR C 28 17.61 -51.85 4.42
C THR C 28 16.87 -51.23 5.61
N PHE C 29 15.56 -51.52 5.68
CA PHE C 29 14.65 -50.84 6.59
C PHE C 29 15.14 -50.88 8.04
N THR C 30 15.68 -52.01 8.49
CA THR C 30 16.08 -52.14 9.88
C THR C 30 17.47 -51.57 10.16
N SER C 31 18.15 -50.99 9.18
CA SER C 31 19.50 -50.51 9.45
C SER C 31 19.56 -49.03 9.78
N TYR C 32 18.43 -48.34 9.86
CA TYR C 32 18.40 -46.89 10.03
C TYR C 32 17.37 -46.50 11.06
N PHE C 33 17.68 -45.48 11.85
CA PHE C 33 16.68 -44.89 12.72
C PHE C 33 15.64 -44.15 11.88
N MET C 34 14.43 -44.03 12.43
CA MET C 34 13.33 -43.24 11.87
C MET C 34 12.86 -42.22 12.89
N HIS C 35 12.48 -41.04 12.40
CA HIS C 35 12.00 -39.94 13.25
C HIS C 35 10.61 -39.48 12.79
N TRP C 36 9.85 -38.92 13.75
CA TRP C 36 8.68 -38.10 13.45
C TRP C 36 8.97 -36.66 13.86
N VAL C 37 8.58 -35.72 13.00
CA VAL C 37 8.75 -34.30 13.23
C VAL C 37 7.45 -33.64 12.81
N ARG C 38 7.05 -32.54 13.48
CA ARG C 38 5.85 -31.86 13.04
C ARG C 38 6.05 -30.35 12.95
N GLN C 39 5.10 -29.72 12.26
CA GLN C 39 5.14 -28.27 12.03
C GLN C 39 3.72 -27.73 12.03
N ALA C 40 3.37 -26.96 13.07
CA ALA C 40 2.08 -26.29 13.10
C ALA C 40 2.09 -25.19 12.03
N PRO C 41 0.94 -24.89 11.43
CA PRO C 41 0.93 -23.97 10.28
C PRO C 41 1.56 -22.63 10.64
N GLY C 42 2.59 -22.25 9.87
CA GLY C 42 3.31 -21.01 10.10
C GLY C 42 4.29 -21.02 11.26
N GLN C 43 4.49 -22.13 11.96
CA GLN C 43 5.39 -22.17 13.10
C GLN C 43 6.61 -23.04 12.77
N GLY C 44 7.46 -23.28 13.77
CA GLY C 44 8.72 -23.96 13.55
C GLY C 44 8.58 -25.48 13.58
N LEU C 45 9.71 -26.15 13.35
CA LEU C 45 9.78 -27.60 13.42
C LEU C 45 9.88 -28.05 14.87
N GLU C 46 9.25 -29.20 15.15
CA GLU C 46 9.24 -29.75 16.49
C GLU C 46 9.53 -31.25 16.40
N TRP C 47 10.65 -31.68 16.96
CA TRP C 47 11.01 -33.08 16.91
C TRP C 47 10.13 -33.85 17.87
N MET C 48 9.70 -35.07 17.47
CA MET C 48 8.69 -35.81 18.22
C MET C 48 9.18 -37.12 18.79
N ALA C 49 9.83 -37.96 17.99
CA ALA C 49 10.07 -39.33 18.42
C ALA C 49 11.09 -39.97 17.50
N ILE C 50 11.64 -41.10 17.95
CA ILE C 50 12.61 -41.86 17.19
C ILE C 50 12.49 -43.33 17.57
N THR C 51 12.67 -44.21 16.58
CA THR C 51 12.88 -45.61 16.87
C THR C 51 13.84 -46.17 15.82
N TYR C 52 14.26 -47.42 16.03
CA TYR C 52 14.73 -48.11 14.84
C TYR C 52 13.86 -49.34 14.60
N PRO C 53 13.54 -49.63 13.34
CA PRO C 53 12.49 -50.64 13.07
C PRO C 53 12.77 -52.02 13.62
N GLY C 54 14.00 -52.50 13.55
CA GLY C 54 14.27 -53.84 14.06
C GLY C 54 13.65 -54.17 15.42
N GLY C 55 13.32 -53.13 16.19
CA GLY C 55 12.76 -53.29 17.52
C GLY C 55 13.84 -53.11 18.56
N GLY C 56 13.55 -52.37 19.62
CA GLY C 56 12.27 -51.70 19.76
C GLY C 56 12.45 -50.37 20.47
N SER C 57 11.78 -50.25 21.63
CA SER C 57 11.75 -49.09 22.52
C SER C 57 11.92 -47.76 21.80
N PRO C 58 10.86 -47.26 21.16
CA PRO C 58 10.88 -45.87 20.69
C PRO C 58 11.11 -44.92 21.85
N SER C 59 11.63 -43.74 21.55
CA SER C 59 11.75 -42.69 22.56
C SER C 59 10.98 -41.47 22.10
N TYR C 60 10.40 -40.76 23.06
CA TYR C 60 9.47 -39.68 22.79
C TYR C 60 9.94 -38.38 23.43
N ALA C 61 9.77 -37.28 22.71
CA ALA C 61 10.01 -35.97 23.32
C ALA C 61 9.09 -35.79 24.52
N PRO C 62 9.61 -35.30 25.65
CA PRO C 62 8.82 -35.35 26.90
C PRO C 62 7.59 -34.46 26.91
N GLN C 63 7.52 -33.42 26.07
CA GLN C 63 6.34 -32.57 26.09
C GLN C 63 5.11 -33.24 25.53
N PHE C 64 5.24 -34.41 24.90
CA PHE C 64 4.03 -35.11 24.49
C PHE C 64 3.41 -35.91 25.62
N GLN C 65 4.02 -35.92 26.81
CA GLN C 65 3.39 -36.41 28.04
C GLN C 65 2.81 -37.81 27.86
N GLY C 66 3.46 -38.67 27.09
CA GLY C 66 2.93 -40.01 26.91
C GLY C 66 1.78 -40.16 25.91
N ARG C 67 1.32 -39.07 25.29
CA ARG C 67 0.21 -39.15 24.32
C ARG C 67 0.64 -39.76 22.99
N LEU C 68 1.93 -39.95 22.76
CA LEU C 68 2.45 -40.34 21.46
C LEU C 68 3.08 -41.72 21.54
N THR C 69 2.73 -42.60 20.58
CA THR C 69 3.39 -43.88 20.43
C THR C 69 3.88 -44.01 18.99
N MET C 70 5.00 -44.68 18.84
CA MET C 70 5.57 -44.95 17.53
C MET C 70 5.75 -46.45 17.42
N THR C 71 5.36 -47.02 16.29
CA THR C 71 5.51 -48.44 16.07
C THR C 71 6.04 -48.65 14.66
N ASP C 72 6.36 -49.89 14.36
CA ASP C 72 6.81 -50.22 13.03
C ASP C 72 6.41 -51.65 12.70
N ASP C 73 6.39 -51.94 11.40
CA ASP C 73 6.03 -53.27 10.87
C ASP C 73 7.13 -53.55 9.85
N THR C 74 8.09 -54.39 10.23
CA THR C 74 9.21 -54.67 9.32
C THR C 74 8.75 -55.37 8.06
N SER C 75 7.74 -56.24 8.15
CA SER C 75 7.30 -56.92 6.95
C SER C 75 6.67 -55.95 5.96
N ALA C 76 6.05 -54.87 6.44
CA ALA C 76 5.51 -53.83 5.57
C ALA C 76 6.47 -52.66 5.36
N THR C 77 7.70 -52.76 5.90
CA THR C 77 8.66 -51.66 5.99
C THR C 77 7.96 -50.31 6.18
N THR C 78 7.14 -50.22 7.23
CA THR C 78 6.32 -49.05 7.50
C THR C 78 6.50 -48.66 8.96
N VAL C 79 6.57 -47.37 9.22
CA VAL C 79 6.57 -46.81 10.57
C VAL C 79 5.26 -46.07 10.78
N TYR C 80 4.80 -46.03 12.03
CA TYR C 80 3.55 -45.38 12.36
C TYR C 80 3.76 -44.43 13.53
N MET C 81 2.89 -43.43 13.62
CA MET C 81 2.71 -42.66 14.85
C MET C 81 1.25 -42.68 15.23
N ASP C 82 0.97 -42.73 16.53
CA ASP C 82 -0.37 -42.58 17.09
C ASP C 82 -0.32 -41.49 18.14
N LEU C 83 -1.04 -40.40 17.90
CA LEU C 83 -1.06 -39.28 18.83
C LEU C 83 -2.46 -39.14 19.38
N SER C 84 -2.60 -39.34 20.68
CA SER C 84 -3.92 -39.41 21.31
C SER C 84 -4.22 -38.13 22.09
N ASP C 85 -5.48 -38.00 22.52
CA ASP C 85 -5.97 -36.83 23.25
C ASP C 85 -5.65 -35.52 22.52
N LEU C 86 -6.06 -35.47 21.26
CA LEU C 86 -5.70 -34.36 20.38
C LEU C 86 -6.39 -33.06 20.81
N THR C 87 -5.69 -31.94 20.64
CA THR C 87 -6.28 -30.61 20.75
C THR C 87 -5.94 -29.81 19.50
N SER C 88 -6.48 -28.60 19.39
CA SER C 88 -6.14 -27.71 18.28
C SER C 88 -4.65 -27.43 18.20
N LYS C 89 -3.93 -27.57 19.31
CA LYS C 89 -2.48 -27.41 19.30
C LYS C 89 -1.79 -28.48 18.47
N ASP C 90 -2.49 -29.58 18.15
CA ASP C 90 -1.88 -30.65 17.39
C ASP C 90 -2.15 -30.53 15.91
N THR C 91 -2.90 -29.52 15.45
CA THR C 91 -3.06 -29.37 14.00
C THR C 91 -1.72 -28.96 13.42
N ALA C 92 -1.20 -29.78 12.53
CA ALA C 92 0.17 -29.65 12.10
C ALA C 92 0.36 -30.54 10.90
N VAL C 93 1.40 -30.29 10.14
CA VAL C 93 1.88 -31.27 9.17
C VAL C 93 2.83 -32.18 9.92
N TYR C 94 2.64 -33.48 9.79
CA TYR C 94 3.47 -34.47 10.45
C TYR C 94 4.36 -35.10 9.40
N TYR C 95 5.67 -35.14 9.68
CA TYR C 95 6.68 -35.69 8.77
C TYR C 95 7.34 -36.90 9.40
N CYS C 96 7.48 -37.98 8.64
CA CYS C 96 8.46 -39.00 8.99
C CYS C 96 9.76 -38.67 8.28
N ALA C 97 10.88 -39.03 8.92
CA ALA C 97 12.20 -38.75 8.35
C ALA C 97 13.14 -39.89 8.71
N ARG C 98 13.95 -40.30 7.74
CA ARG C 98 14.98 -41.29 7.99
C ARG C 98 16.16 -40.64 8.68
N GLY C 99 16.60 -41.22 9.78
CA GLY C 99 17.78 -40.77 10.49
C GLY C 99 19.01 -41.47 9.96
N ALA C 100 20.03 -41.53 10.80
CA ALA C 100 21.30 -42.07 10.34
C ALA C 100 21.30 -43.59 10.41
N HIS C 101 22.29 -44.18 9.74
CA HIS C 101 22.58 -45.60 9.83
C HIS C 101 22.86 -45.96 11.28
N ARG C 102 22.36 -47.13 11.71
CA ARG C 102 22.42 -47.49 13.13
C ARG C 102 23.84 -47.61 13.64
N SER C 103 24.80 -47.84 12.75
CA SER C 103 26.20 -47.87 13.15
C SER C 103 26.83 -46.49 13.27
N ILE C 104 26.17 -45.43 12.78
CA ILE C 104 26.74 -44.07 12.82
C ILE C 104 26.16 -43.24 13.96
N GLY C 105 24.84 -43.23 14.12
CA GLY C 105 24.23 -42.38 15.11
C GLY C 105 22.73 -42.30 14.87
N THR C 106 22.07 -41.36 15.55
CA THR C 106 20.64 -41.22 15.37
C THR C 106 20.27 -40.16 14.34
N THR C 107 21.04 -39.09 14.30
CA THR C 107 20.79 -37.98 13.40
C THR C 107 22.03 -37.89 12.51
N PRO C 108 21.99 -37.11 11.39
CA PRO C 108 20.94 -36.22 10.89
C PRO C 108 19.79 -36.93 10.18
N LEU C 109 18.81 -36.13 9.77
CA LEU C 109 17.60 -36.64 9.10
C LEU C 109 17.80 -36.34 7.62
N ASP C 110 18.16 -37.37 6.85
CA ASP C 110 18.58 -37.12 5.48
C ASP C 110 17.46 -37.30 4.46
N SER C 111 16.36 -37.92 4.83
CA SER C 111 15.31 -38.15 3.88
C SER C 111 13.98 -37.91 4.59
N TRP C 112 13.06 -37.24 3.91
CA TRP C 112 11.82 -36.79 4.54
C TRP C 112 10.62 -37.26 3.74
N GLY C 113 9.57 -37.69 4.44
CA GLY C 113 8.30 -37.94 3.78
C GLY C 113 7.72 -36.65 3.27
N GLN C 114 6.61 -36.78 2.52
CA GLN C 114 5.97 -35.60 1.95
C GLN C 114 5.14 -34.84 2.97
N GLY C 115 4.92 -35.40 4.15
CA GLY C 115 4.12 -34.71 5.14
C GLY C 115 2.67 -35.13 5.12
N THR C 116 2.04 -35.14 6.30
CA THR C 116 0.63 -35.45 6.47
C THR C 116 -0.02 -34.36 7.30
N LEU C 117 -0.96 -33.62 6.70
CA LEU C 117 -1.72 -32.64 7.46
C LEU C 117 -2.76 -33.32 8.36
N VAL C 118 -2.72 -33.02 9.64
CA VAL C 118 -3.74 -33.47 10.58
C VAL C 118 -4.43 -32.24 11.14
N THR C 119 -5.74 -32.12 10.89
CA THR C 119 -6.52 -30.99 11.36
C THR C 119 -7.40 -31.46 12.51
N VAL C 120 -7.28 -30.80 13.66
CA VAL C 120 -8.00 -31.17 14.87
C VAL C 120 -9.00 -30.06 15.15
N SER C 121 -10.28 -30.38 15.02
CA SER C 121 -11.29 -29.32 15.14
C SER C 121 -12.65 -29.98 15.28
N SER C 122 -13.60 -29.21 15.82
CA SER C 122 -14.98 -29.69 15.89
C SER C 122 -15.76 -29.44 14.61
N ALA C 123 -15.21 -28.65 13.68
CA ALA C 123 -15.97 -28.30 12.48
C ALA C 123 -16.15 -29.51 11.57
N SER C 124 -17.15 -29.41 10.70
CA SER C 124 -17.45 -30.44 9.71
C SER C 124 -16.96 -29.99 8.34
N THR C 125 -16.55 -30.97 7.53
CA THR C 125 -16.06 -30.70 6.20
C THR C 125 -17.09 -29.91 5.40
N LYS C 126 -16.65 -28.83 4.77
CA LYS C 126 -17.56 -27.93 4.08
C LYS C 126 -16.83 -27.22 2.94
N GLY C 127 -17.43 -27.22 1.76
CA GLY C 127 -16.88 -26.49 0.64
C GLY C 127 -17.08 -25.00 0.78
N PRO C 128 -16.32 -24.20 0.04
CA PRO C 128 -16.39 -22.75 0.21
C PRO C 128 -17.48 -22.10 -0.62
N SER C 129 -17.99 -21.01 -0.08
CA SER C 129 -18.67 -20.02 -0.88
C SER C 129 -17.61 -19.12 -1.53
N VAL C 130 -17.78 -18.84 -2.82
CA VAL C 130 -16.83 -18.03 -3.56
C VAL C 130 -17.53 -16.76 -4.03
N PHE C 131 -17.03 -15.62 -3.56
CA PHE C 131 -17.60 -14.31 -3.79
C PHE C 131 -16.65 -13.46 -4.62
N PRO C 132 -17.16 -12.63 -5.54
CA PRO C 132 -16.27 -11.80 -6.34
C PRO C 132 -15.72 -10.63 -5.53
N LEU C 133 -14.49 -10.28 -5.85
CA LEU C 133 -13.86 -9.03 -5.41
C LEU C 133 -13.81 -8.18 -6.69
N ALA C 134 -14.88 -7.42 -6.93
CA ALA C 134 -15.07 -6.76 -8.21
C ALA C 134 -14.11 -5.58 -8.36
N PRO C 135 -13.67 -5.30 -9.59
CA PRO C 135 -12.82 -4.11 -9.80
C PRO C 135 -13.60 -2.80 -9.67
N THR C 144 -3.87 0.31 -14.18
CA THR C 144 -3.95 -1.06 -13.67
C THR C 144 -5.01 -1.22 -12.58
N ALA C 145 -5.80 -2.28 -12.68
CA ALA C 145 -6.91 -2.56 -11.77
C ALA C 145 -6.63 -3.83 -10.98
N ALA C 146 -7.36 -3.99 -9.87
CA ALA C 146 -7.28 -5.21 -9.09
C ALA C 146 -8.66 -5.85 -9.02
N LEU C 147 -8.71 -7.18 -9.16
CA LEU C 147 -9.93 -7.93 -8.95
C LEU C 147 -9.55 -9.27 -8.32
N GLY C 148 -10.53 -10.02 -7.86
CA GLY C 148 -10.21 -11.28 -7.22
C GLY C 148 -11.45 -12.03 -6.77
N CYS C 149 -11.19 -13.10 -6.02
CA CYS C 149 -12.20 -13.97 -5.45
C CYS C 149 -11.95 -14.16 -3.97
N LEU C 150 -13.03 -14.15 -3.19
CA LEU C 150 -12.98 -14.40 -1.76
C LEU C 150 -13.50 -15.80 -1.54
N VAL C 151 -12.64 -16.70 -1.08
CA VAL C 151 -12.96 -18.11 -0.94
C VAL C 151 -13.24 -18.34 0.54
N LYS C 152 -14.53 -18.35 0.91
CA LYS C 152 -14.89 -18.15 2.32
C LYS C 152 -15.64 -19.35 2.90
N ASP C 153 -15.31 -19.63 4.16
CA ASP C 153 -16.03 -20.57 5.01
C ASP C 153 -15.94 -22.00 4.47
N TYR C 154 -14.70 -22.48 4.32
CA TYR C 154 -14.48 -23.88 4.02
C TYR C 154 -13.73 -24.55 5.18
N PHE C 155 -13.72 -25.88 5.15
CA PHE C 155 -13.01 -26.68 6.14
C PHE C 155 -12.88 -28.09 5.61
N PRO C 156 -11.70 -28.73 5.79
CA PRO C 156 -10.44 -28.20 6.30
C PRO C 156 -9.62 -27.56 5.19
N GLU C 157 -8.38 -27.19 5.51
CA GLU C 157 -7.40 -26.88 4.46
C GLU C 157 -7.13 -28.15 3.66
N PRO C 158 -6.61 -28.02 2.42
CA PRO C 158 -6.30 -26.84 1.61
C PRO C 158 -7.30 -26.58 0.49
N VAL C 159 -7.21 -25.40 -0.12
CA VAL C 159 -7.87 -25.10 -1.38
C VAL C 159 -6.79 -24.64 -2.34
N THR C 160 -7.07 -24.77 -3.63
CA THR C 160 -6.26 -24.15 -4.65
C THR C 160 -7.13 -23.24 -5.51
N VAL C 161 -6.49 -22.26 -6.13
CA VAL C 161 -7.18 -21.31 -7.00
C VAL C 161 -6.34 -21.13 -8.25
N SER C 162 -7.00 -21.18 -9.40
CA SER C 162 -6.40 -20.73 -10.66
C SER C 162 -7.26 -19.63 -11.22
N TRP C 163 -6.76 -18.98 -12.27
CA TRP C 163 -7.53 -17.98 -12.99
C TRP C 163 -7.60 -18.36 -14.46
N ASN C 164 -8.80 -18.24 -15.02
CA ASN C 164 -9.09 -18.59 -16.43
C ASN C 164 -8.46 -19.94 -16.79
N SER C 165 -8.78 -20.95 -15.97
CA SER C 165 -8.38 -22.33 -16.19
C SER C 165 -6.86 -22.49 -16.24
N GLY C 166 -6.13 -21.57 -15.62
CA GLY C 166 -4.69 -21.63 -15.56
C GLY C 166 -3.99 -20.82 -16.63
N ALA C 167 -4.72 -20.25 -17.59
CA ALA C 167 -4.09 -19.41 -18.60
C ALA C 167 -3.60 -18.09 -18.04
N LEU C 168 -4.13 -17.63 -16.90
CA LEU C 168 -3.76 -16.33 -16.32
C LEU C 168 -2.95 -16.58 -15.06
N THR C 169 -1.67 -16.20 -15.09
CA THR C 169 -0.79 -16.46 -13.94
C THR C 169 -0.02 -15.23 -13.49
N SER C 170 0.38 -14.38 -14.43
CA SER C 170 1.09 -13.15 -14.11
C SER C 170 0.20 -12.21 -13.30
N GLY C 171 0.75 -11.66 -12.22
CA GLY C 171 0.02 -10.76 -11.35
C GLY C 171 -0.93 -11.44 -10.38
N VAL C 172 -0.98 -12.76 -10.37
CA VAL C 172 -1.87 -13.47 -9.45
C VAL C 172 -1.21 -13.56 -8.08
N HIS C 173 -1.97 -13.28 -7.03
CA HIS C 173 -1.54 -13.56 -5.66
C HIS C 173 -2.64 -14.33 -4.96
N THR C 174 -2.36 -15.56 -4.53
CA THR C 174 -3.27 -16.31 -3.70
C THR C 174 -2.68 -16.36 -2.29
N PHE C 175 -3.39 -15.85 -1.36
CA PHE C 175 -2.99 -15.56 0.01
C PHE C 175 -3.15 -16.79 0.90
N PRO C 176 -2.23 -16.97 1.85
CA PRO C 176 -2.44 -18.01 2.87
C PRO C 176 -3.79 -17.83 3.56
N ALA C 177 -4.43 -18.96 3.85
CA ALA C 177 -5.74 -18.90 4.48
C ALA C 177 -5.62 -18.39 5.90
N VAL C 178 -6.73 -17.89 6.40
CA VAL C 178 -6.85 -17.51 7.80
C VAL C 178 -7.95 -18.37 8.42
N LEU C 179 -7.75 -18.77 9.67
CA LEU C 179 -8.73 -19.54 10.42
C LEU C 179 -9.63 -18.59 11.20
N GLN C 180 -10.91 -18.55 10.86
CA GLN C 180 -11.85 -17.66 11.51
C GLN C 180 -12.27 -18.23 12.87
N SER C 181 -12.91 -17.37 13.68
CA SER C 181 -13.35 -17.80 15.00
C SER C 181 -14.42 -18.88 14.92
N SER C 182 -15.20 -18.89 13.83
CA SER C 182 -16.18 -19.94 13.57
C SER C 182 -15.56 -21.33 13.41
N GLY C 183 -14.24 -21.43 13.21
CA GLY C 183 -13.59 -22.69 12.91
C GLY C 183 -13.48 -23.03 11.43
N LEU C 184 -13.96 -22.15 10.55
CA LEU C 184 -13.84 -22.31 9.12
C LEU C 184 -12.76 -21.38 8.59
N TYR C 185 -12.15 -21.79 7.48
CA TYR C 185 -11.09 -21.02 6.87
C TYR C 185 -11.66 -20.07 5.83
N SER C 186 -10.90 -19.01 5.56
CA SER C 186 -11.21 -18.10 4.48
C SER C 186 -9.91 -17.65 3.81
N LEU C 187 -9.91 -17.55 2.48
CA LEU C 187 -8.77 -16.96 1.79
C LEU C 187 -9.24 -16.16 0.60
N SER C 188 -8.32 -15.35 0.10
CA SER C 188 -8.58 -14.51 -1.05
C SER C 188 -7.52 -14.76 -2.11
N SER C 189 -7.90 -14.60 -3.36
CA SER C 189 -6.96 -14.64 -4.47
C SER C 189 -7.25 -13.42 -5.33
N VAL C 190 -6.20 -12.70 -5.72
CA VAL C 190 -6.36 -11.48 -6.51
C VAL C 190 -5.43 -11.53 -7.71
N VAL C 191 -5.71 -10.64 -8.66
CA VAL C 191 -4.85 -10.47 -9.82
C VAL C 191 -4.99 -9.01 -10.27
N THR C 192 -3.87 -8.43 -10.72
CA THR C 192 -3.90 -7.11 -11.33
C THR C 192 -3.83 -7.26 -12.84
N VAL C 193 -4.62 -6.44 -13.53
CA VAL C 193 -4.81 -6.53 -14.96
C VAL C 193 -4.79 -5.10 -15.48
N PRO C 194 -4.71 -4.86 -16.80
CA PRO C 194 -4.88 -3.49 -17.30
C PRO C 194 -6.30 -3.01 -17.06
N SER C 195 -6.42 -1.75 -16.64
CA SER C 195 -7.74 -1.16 -16.47
C SER C 195 -8.54 -1.21 -17.77
N SER C 196 -7.86 -1.05 -18.91
CA SER C 196 -8.52 -1.03 -20.20
C SER C 196 -9.14 -2.37 -20.56
N SER C 197 -8.64 -3.46 -20.00
CA SER C 197 -9.15 -4.79 -20.37
C SER C 197 -10.46 -5.14 -19.69
N LEU C 198 -10.93 -4.34 -18.72
CA LEU C 198 -12.06 -4.75 -17.90
C LEU C 198 -13.32 -4.98 -18.74
N GLY C 199 -13.49 -4.21 -19.81
CA GLY C 199 -14.68 -4.37 -20.62
C GLY C 199 -14.66 -5.63 -21.47
N THR C 200 -13.51 -5.94 -22.05
CA THR C 200 -13.44 -7.01 -23.05
C THR C 200 -13.03 -8.35 -22.48
N GLN C 201 -12.07 -8.37 -21.54
CA GLN C 201 -11.51 -9.62 -21.06
C GLN C 201 -12.38 -10.24 -19.97
N THR C 202 -12.53 -11.56 -20.01
CA THR C 202 -13.25 -12.28 -18.98
C THR C 202 -12.30 -12.81 -17.91
N TYR C 203 -12.70 -12.71 -16.65
CA TYR C 203 -11.87 -13.15 -15.53
C TYR C 203 -12.67 -14.09 -14.64
N ILE C 204 -12.18 -15.33 -14.52
CA ILE C 204 -12.87 -16.39 -13.80
C ILE C 204 -11.86 -17.05 -12.88
N CYS C 205 -12.20 -17.18 -11.60
CA CYS C 205 -11.37 -17.92 -10.67
C CYS C 205 -11.92 -19.33 -10.54
N ASN C 206 -11.04 -20.32 -10.66
CA ASN C 206 -11.40 -21.72 -10.55
C ASN C 206 -10.91 -22.19 -9.19
N VAL C 207 -11.85 -22.49 -8.29
CA VAL C 207 -11.54 -22.84 -6.91
C VAL C 207 -11.75 -24.34 -6.74
N ASN C 208 -10.78 -25.00 -6.13
CA ASN C 208 -10.85 -26.44 -5.94
C ASN C 208 -10.60 -26.74 -4.47
N HIS C 209 -11.59 -27.35 -3.81
CA HIS C 209 -11.50 -27.75 -2.41
C HIS C 209 -11.63 -29.27 -2.41
N LYS C 210 -10.50 -29.95 -2.57
CA LYS C 210 -10.52 -31.39 -2.65
C LYS C 210 -11.07 -32.07 -1.41
N PRO C 211 -10.89 -31.57 -0.18
CA PRO C 211 -11.47 -32.27 0.97
C PRO C 211 -12.97 -32.45 0.90
N SER C 212 -13.69 -31.57 0.22
CA SER C 212 -15.13 -31.73 0.02
C SER C 212 -15.50 -32.11 -1.41
N ASN C 213 -14.52 -32.43 -2.26
CA ASN C 213 -14.76 -32.69 -3.68
C ASN C 213 -15.59 -31.58 -4.32
N THR C 214 -15.23 -30.33 -3.99
CA THR C 214 -15.91 -29.15 -4.49
C THR C 214 -15.00 -28.38 -5.44
N LYS C 215 -15.51 -28.11 -6.63
CA LYS C 215 -14.89 -27.21 -7.60
C LYS C 215 -15.91 -26.13 -7.95
N VAL C 216 -15.48 -24.87 -7.95
CA VAL C 216 -16.35 -23.73 -8.22
C VAL C 216 -15.63 -22.82 -9.20
N ASP C 217 -16.33 -22.40 -10.24
CA ASP C 217 -15.90 -21.29 -11.10
C ASP C 217 -16.74 -20.08 -10.78
N LYS C 218 -16.10 -18.91 -10.72
CA LYS C 218 -16.84 -17.68 -10.45
C LYS C 218 -16.31 -16.59 -11.37
N ARG C 219 -17.18 -16.09 -12.25
CA ARG C 219 -16.83 -14.95 -13.08
C ARG C 219 -16.84 -13.68 -12.25
N VAL C 220 -15.78 -12.88 -12.37
CA VAL C 220 -15.65 -11.62 -11.65
C VAL C 220 -15.73 -10.49 -12.68
N GLU C 221 -16.70 -9.60 -12.51
CA GLU C 221 -16.95 -8.55 -13.49
C GLU C 221 -17.24 -7.23 -12.79
N PRO C 222 -16.99 -6.09 -13.46
CA PRO C 222 -17.22 -4.76 -12.87
C PRO C 222 -18.70 -4.40 -12.73
N ILE D 1 17.52 -27.71 26.69
CA ILE D 1 18.48 -27.01 25.82
C ILE D 1 17.75 -26.11 24.83
N VAL D 2 18.10 -24.83 24.80
CA VAL D 2 17.40 -23.84 24.01
C VAL D 2 18.33 -23.34 22.89
N MET D 3 17.85 -23.44 21.64
CA MET D 3 18.55 -22.88 20.50
C MET D 3 17.99 -21.51 20.22
N THR D 4 18.86 -20.51 20.18
CA THR D 4 18.46 -19.16 19.80
C THR D 4 19.13 -18.81 18.48
N GLN D 5 18.34 -18.69 17.42
CA GLN D 5 18.88 -18.31 16.14
C GLN D 5 18.80 -16.80 15.98
N THR D 6 19.75 -16.24 15.22
CA THR D 6 19.75 -14.82 14.92
C THR D 6 20.36 -14.57 13.54
N PRO D 7 19.84 -13.56 12.82
CA PRO D 7 18.66 -12.75 13.14
C PRO D 7 17.36 -13.51 12.93
N LEU D 8 16.22 -12.92 13.26
CA LEU D 8 14.95 -13.60 12.98
C LEU D 8 14.66 -13.62 11.49
N SER D 9 14.92 -12.50 10.81
CA SER D 9 14.86 -12.47 9.35
C SER D 9 16.08 -11.73 8.83
N LEU D 10 16.54 -12.16 7.65
CA LEU D 10 17.74 -11.61 7.05
C LEU D 10 17.46 -11.34 5.58
N SER D 11 17.71 -10.11 5.15
CA SER D 11 17.60 -9.72 3.76
C SER D 11 18.99 -9.66 3.15
N VAL D 12 19.22 -10.33 2.03
CA VAL D 12 20.55 -10.31 1.42
C VAL D 12 20.51 -10.12 -0.09
N THR D 13 21.11 -9.03 -0.56
CA THR D 13 21.17 -8.76 -1.99
C THR D 13 21.80 -9.99 -2.63
N PRO D 14 21.33 -10.39 -3.80
CA PRO D 14 21.89 -11.60 -4.41
C PRO D 14 23.35 -11.42 -4.75
N GLY D 15 24.07 -12.54 -4.82
CA GLY D 15 25.51 -12.52 -5.00
C GLY D 15 26.30 -12.12 -3.78
N GLN D 16 25.65 -11.49 -2.77
CA GLN D 16 26.28 -11.08 -1.51
C GLN D 16 26.25 -12.23 -0.52
N PRO D 17 27.28 -12.37 0.31
CA PRO D 17 27.30 -13.46 1.29
C PRO D 17 26.27 -13.26 2.39
N ALA D 18 25.91 -14.36 3.04
CA ALA D 18 24.96 -14.34 4.15
C ALA D 18 25.51 -15.17 5.30
N SER D 19 25.03 -14.84 6.51
CA SER D 19 25.54 -15.45 7.72
C SER D 19 24.42 -15.51 8.74
N ILE D 20 24.17 -16.71 9.27
CA ILE D 20 23.12 -16.95 10.23
C ILE D 20 23.76 -17.70 11.40
N SER D 21 23.28 -17.44 12.60
CA SER D 21 23.91 -18.01 13.77
C SER D 21 22.89 -18.76 14.62
N CYS D 22 23.41 -19.72 15.37
CA CYS D 22 22.66 -20.56 16.30
C CYS D 22 23.46 -20.62 17.60
N LYS D 23 22.95 -19.98 18.65
CA LYS D 23 23.59 -20.00 19.96
C LYS D 23 22.84 -20.97 20.86
N SER D 24 23.56 -21.93 21.42
CA SER D 24 22.99 -22.95 22.27
C SER D 24 23.09 -22.54 23.75
N SER D 25 22.11 -22.96 24.54
CA SER D 25 22.11 -22.64 25.96
C SER D 25 23.07 -23.48 26.78
N GLN D 26 23.66 -24.51 26.18
CA GLN D 26 24.72 -25.30 26.79
C GLN D 26 25.54 -25.89 25.65
N SER D 27 26.76 -26.32 25.97
CA SER D 27 27.65 -26.81 24.91
C SER D 27 27.08 -28.06 24.25
N LEU D 28 27.28 -28.17 22.93
CA LEU D 28 26.85 -29.34 22.17
C LEU D 28 27.99 -30.29 21.81
N LEU D 29 29.15 -30.00 22.38
CA LEU D 29 30.30 -30.82 22.14
C LEU D 29 30.09 -32.04 22.97
N HIS D 30 30.12 -33.19 22.35
CA HIS D 30 29.93 -34.40 23.05
C HIS D 30 31.29 -34.81 23.59
N SER D 31 31.66 -36.07 23.45
CA SER D 31 32.94 -36.58 23.90
C SER D 31 33.27 -37.48 22.76
N ASP D 32 33.91 -36.90 21.77
CA ASP D 32 34.20 -37.65 20.57
C ASP D 32 35.41 -37.08 19.87
N GLY D 33 35.40 -35.78 19.60
CA GLY D 33 34.28 -34.90 19.94
C GLY D 33 33.52 -34.64 18.69
N LYS D 34 32.27 -35.07 18.66
CA LYS D 34 31.43 -34.85 17.52
C LYS D 34 30.55 -33.81 18.11
N THR D 35 30.08 -32.87 17.34
CA THR D 35 29.22 -31.84 17.89
C THR D 35 27.85 -31.95 17.22
N TYR D 36 26.83 -32.23 18.02
CA TYR D 36 25.51 -32.63 17.50
C TYR D 36 24.64 -31.40 17.25
N LEU D 37 25.00 -30.68 16.19
CA LEU D 37 24.30 -29.48 15.75
C LEU D 37 24.20 -29.57 14.23
N TYR D 38 22.98 -29.62 13.69
CA TYR D 38 22.74 -29.69 12.26
C TYR D 38 21.93 -28.50 11.77
N TRP D 39 21.97 -28.31 10.45
CA TRP D 39 21.29 -27.20 9.78
C TRP D 39 20.38 -27.73 8.70
N TYR D 40 19.14 -27.24 8.70
CA TYR D 40 18.13 -27.61 7.70
C TYR D 40 17.60 -26.37 7.01
N LEU D 41 17.28 -26.51 5.73
CA LEU D 41 16.58 -25.48 4.98
C LEU D 41 15.18 -25.98 4.67
N GLN D 42 14.18 -25.13 4.87
CA GLN D 42 12.82 -25.46 4.43
C GLN D 42 12.34 -24.36 3.50
N LYS D 43 12.18 -24.69 2.22
CA LYS D 43 11.58 -23.73 1.28
C LYS D 43 10.06 -23.77 1.40
N PRO D 44 9.37 -22.69 1.01
CA PRO D 44 7.92 -22.64 1.23
C PRO D 44 7.20 -23.76 0.47
N GLY D 45 6.29 -24.44 1.18
CA GLY D 45 5.53 -25.56 0.64
C GLY D 45 6.29 -26.86 0.52
N GLN D 46 7.55 -26.92 0.94
CA GLN D 46 8.36 -28.12 0.82
C GLN D 46 8.70 -28.71 2.18
N SER D 47 9.08 -29.98 2.17
CA SER D 47 9.66 -30.61 3.33
C SER D 47 11.05 -30.03 3.62
N PRO D 48 11.50 -30.04 4.88
CA PRO D 48 12.86 -29.59 5.19
C PRO D 48 13.89 -30.45 4.49
N GLN D 49 15.08 -29.87 4.27
CA GLN D 49 16.17 -30.60 3.65
C GLN D 49 17.47 -30.33 4.42
N LEU D 50 18.25 -31.39 4.60
CA LEU D 50 19.48 -31.31 5.36
C LEU D 50 20.54 -30.51 4.59
N LEU D 51 21.19 -29.57 5.26
CA LEU D 51 22.30 -28.84 4.65
C LEU D 51 23.64 -29.22 5.23
N ILE D 52 23.76 -29.11 6.54
CA ILE D 52 24.97 -29.37 7.26
C ILE D 52 24.73 -30.25 8.48
N TYR D 53 25.67 -31.13 8.77
CA TYR D 53 25.56 -32.03 9.93
C TYR D 53 26.87 -32.09 10.69
N GLU D 54 26.77 -32.14 12.02
CA GLU D 54 27.96 -32.21 12.87
C GLU D 54 28.73 -30.89 12.82
N VAL D 55 28.01 -29.78 12.88
CA VAL D 55 28.61 -28.49 12.84
C VAL D 55 29.16 -28.01 11.49
N SER D 56 29.97 -28.81 10.86
CA SER D 56 30.60 -28.41 9.63
C SER D 56 30.58 -29.31 8.40
N ASN D 57 29.88 -30.41 8.43
CA ASN D 57 29.88 -31.31 7.28
C ASN D 57 28.71 -30.99 6.37
N ARG D 58 29.02 -30.71 5.11
CA ARG D 58 28.01 -30.43 4.10
C ARG D 58 27.41 -31.75 3.59
N LEU D 59 26.08 -31.84 3.59
CA LEU D 59 25.40 -33.04 3.08
C LEU D 59 25.67 -33.23 1.60
N SER D 60 25.58 -34.50 1.16
CA SER D 60 25.67 -34.89 -0.23
C SER D 60 24.70 -34.10 -1.10
N GLY D 61 25.23 -33.55 -2.19
CA GLY D 61 24.43 -32.76 -3.11
C GLY D 61 24.24 -31.32 -2.73
N VAL D 62 24.71 -30.89 -1.56
CA VAL D 62 24.58 -29.48 -1.17
C VAL D 62 25.68 -28.69 -1.82
N PRO D 63 25.37 -27.57 -2.50
CA PRO D 63 26.39 -26.77 -3.18
C PRO D 63 27.44 -26.23 -2.21
N ASP D 64 28.67 -26.09 -2.70
CA ASP D 64 29.73 -25.73 -1.78
C ASP D 64 29.72 -24.26 -1.38
N ARG D 65 28.72 -23.47 -1.80
CA ARG D 65 28.59 -22.14 -1.20
C ARG D 65 28.02 -22.17 0.21
N PHE D 66 27.42 -23.29 0.63
CA PHE D 66 26.98 -23.48 2.02
C PHE D 66 28.12 -24.06 2.84
N SER D 67 28.35 -23.47 4.01
CA SER D 67 29.35 -23.97 4.93
C SER D 67 28.85 -23.78 6.35
N GLY D 68 29.39 -24.60 7.25
CA GLY D 68 28.98 -24.51 8.63
C GLY D 68 30.20 -24.54 9.51
N SER D 69 30.20 -23.75 10.58
CA SER D 69 31.29 -23.82 11.54
C SER D 69 30.72 -23.73 12.94
N GLY D 70 31.56 -24.03 13.91
CA GLY D 70 31.22 -23.75 15.29
C GLY D 70 31.70 -24.84 16.21
N SER D 71 31.90 -24.46 17.47
CA SER D 71 32.22 -25.40 18.53
C SER D 71 31.44 -24.97 19.75
N GLY D 72 31.09 -25.95 20.58
CA GLY D 72 30.47 -25.68 21.84
C GLY D 72 29.10 -25.07 21.73
N THR D 73 29.02 -23.73 21.83
CA THR D 73 27.75 -23.06 22.02
C THR D 73 27.37 -22.07 20.92
N ASP D 74 28.28 -21.76 19.99
CA ASP D 74 27.96 -20.78 18.96
C ASP D 74 28.28 -21.35 17.58
N PHE D 75 27.28 -21.33 16.71
CA PHE D 75 27.37 -21.98 15.42
C PHE D 75 26.92 -20.99 14.36
N THR D 76 27.51 -21.12 13.19
CA THR D 76 27.21 -20.21 12.10
C THR D 76 27.06 -21.01 10.83
N LEU D 77 25.99 -20.73 10.09
CA LEU D 77 25.82 -21.19 8.73
C LEU D 77 26.14 -20.03 7.80
N LYS D 78 27.01 -20.26 6.82
CA LYS D 78 27.40 -19.24 5.87
C LYS D 78 27.08 -19.69 4.45
N ILE D 79 26.60 -18.74 3.64
CA ILE D 79 26.44 -18.89 2.20
C ILE D 79 27.33 -17.84 1.55
N SER D 80 28.28 -18.29 0.72
CA SER D 80 29.28 -17.37 0.19
C SER D 80 28.68 -16.36 -0.79
N ARG D 81 27.69 -16.79 -1.58
CA ARG D 81 26.98 -15.92 -2.52
C ARG D 81 25.53 -16.39 -2.59
N VAL D 82 24.61 -15.54 -2.16
CA VAL D 82 23.21 -15.94 -1.99
C VAL D 82 22.54 -15.94 -3.35
N GLU D 83 22.28 -17.13 -3.89
CA GLU D 83 21.35 -17.28 -5.00
C GLU D 83 19.93 -17.17 -4.47
N THR D 84 18.99 -16.76 -5.33
CA THR D 84 17.62 -16.59 -4.87
C THR D 84 16.94 -17.90 -4.53
N GLU D 85 17.45 -19.03 -5.03
CA GLU D 85 16.93 -20.33 -4.61
C GLU D 85 17.09 -20.57 -3.12
N ASP D 86 17.86 -19.72 -2.41
CA ASP D 86 18.17 -19.93 -1.01
C ASP D 86 17.13 -19.32 -0.07
N VAL D 87 16.15 -18.60 -0.61
CA VAL D 87 15.09 -18.05 0.22
C VAL D 87 14.33 -19.19 0.87
N GLY D 88 13.88 -18.96 2.10
CA GLY D 88 13.25 -19.99 2.89
C GLY D 88 13.59 -19.78 4.35
N VAL D 89 13.31 -20.79 5.16
CA VAL D 89 13.55 -20.73 6.60
C VAL D 89 14.65 -21.72 6.94
N TYR D 90 15.64 -21.26 7.69
CA TYR D 90 16.77 -22.05 8.13
C TYR D 90 16.58 -22.43 9.60
N TYR D 91 16.72 -23.72 9.90
CA TYR D 91 16.61 -24.22 11.27
C TYR D 91 17.90 -24.92 11.67
N CYS D 92 18.40 -24.60 12.86
CA CYS D 92 19.38 -25.49 13.47
C CYS D 92 18.66 -26.48 14.38
N MET D 93 19.30 -27.63 14.60
CA MET D 93 18.74 -28.69 15.42
C MET D 93 19.88 -29.34 16.20
N GLN D 94 19.71 -29.47 17.50
CA GLN D 94 20.70 -30.15 18.33
C GLN D 94 20.15 -31.50 18.70
N SER D 95 21.04 -32.49 18.74
CA SER D 95 20.63 -33.83 19.10
C SER D 95 21.63 -34.42 20.10
N ILE D 96 22.00 -33.63 21.10
CA ILE D 96 23.01 -34.08 22.06
C ILE D 96 22.55 -35.36 22.77
N GLN D 97 21.28 -35.45 23.18
CA GLN D 97 20.79 -36.60 23.93
C GLN D 97 19.36 -36.95 23.53
N VAL D 98 19.11 -38.24 23.26
CA VAL D 98 17.76 -38.76 23.03
C VAL D 98 17.00 -38.83 24.37
N PRO D 99 15.74 -38.39 24.42
CA PRO D 99 14.87 -37.80 23.40
C PRO D 99 14.69 -36.31 23.64
N LEU D 100 15.82 -35.61 23.79
CA LEU D 100 15.84 -34.21 24.16
C LEU D 100 16.24 -33.30 23.00
N TYR D 101 16.09 -33.78 21.76
CA TYR D 101 16.38 -32.94 20.61
C TYR D 101 15.46 -31.74 20.58
N THR D 102 15.96 -30.64 20.01
CA THR D 102 15.20 -29.41 19.80
C THR D 102 15.69 -28.72 18.53
N PHE D 103 14.81 -27.89 17.97
CA PHE D 103 15.12 -27.03 16.84
C PHE D 103 15.24 -25.59 17.31
N GLY D 104 16.06 -24.81 16.61
CA GLY D 104 15.93 -23.36 16.71
C GLY D 104 14.58 -22.91 16.20
N GLN D 105 14.27 -21.66 16.46
CA GLN D 105 12.98 -21.14 16.03
C GLN D 105 12.96 -20.78 14.56
N GLY D 106 14.10 -20.86 13.88
CA GLY D 106 14.19 -20.59 12.47
C GLY D 106 14.62 -19.16 12.17
N THR D 107 15.37 -19.00 11.09
CA THR D 107 15.68 -17.68 10.55
C THR D 107 15.18 -17.63 9.11
N ARG D 108 14.42 -16.59 8.80
CA ARG D 108 13.92 -16.39 7.45
C ARG D 108 14.95 -15.63 6.62
N LEU D 109 15.23 -16.14 5.42
CA LEU D 109 16.11 -15.49 4.48
C LEU D 109 15.29 -15.00 3.29
N GLU D 110 15.50 -13.75 2.91
CA GLU D 110 14.74 -13.12 1.84
C GLU D 110 15.70 -12.30 0.99
N ILE D 111 15.28 -12.01 -0.23
CA ILE D 111 16.07 -11.18 -1.14
C ILE D 111 15.88 -9.72 -0.75
N LYS D 112 16.99 -8.99 -0.65
CA LYS D 112 16.93 -7.56 -0.40
C LYS D 112 16.69 -6.82 -1.70
N ARG D 113 15.78 -5.84 -1.67
CA ARG D 113 15.52 -4.96 -2.80
C ARG D 113 15.18 -3.57 -2.27
N THR D 114 15.01 -2.62 -3.20
CA THR D 114 14.67 -1.25 -2.85
C THR D 114 13.29 -1.18 -2.22
N VAL D 115 13.12 -0.20 -1.33
CA VAL D 115 11.81 0.05 -0.74
C VAL D 115 10.79 0.27 -1.85
N ALA D 116 9.65 -0.40 -1.73
CA ALA D 116 8.56 -0.29 -2.68
C ALA D 116 7.25 -0.12 -1.93
N ALA D 117 6.53 0.94 -2.23
CA ALA D 117 5.28 1.20 -1.55
C ALA D 117 4.18 0.29 -2.07
N PRO D 118 3.23 -0.08 -1.23
CA PRO D 118 2.11 -0.91 -1.70
C PRO D 118 1.15 -0.09 -2.56
N SER D 119 0.54 -0.77 -3.54
CA SER D 119 -0.65 -0.25 -4.21
C SER D 119 -1.87 -0.80 -3.50
N VAL D 120 -2.73 0.08 -3.00
CA VAL D 120 -3.80 -0.29 -2.08
C VAL D 120 -5.13 -0.27 -2.81
N PHE D 121 -5.92 -1.33 -2.60
CA PHE D 121 -7.27 -1.44 -3.14
C PHE D 121 -8.20 -1.88 -2.03
N ILE D 122 -9.45 -1.41 -2.11
CA ILE D 122 -10.49 -1.83 -1.17
C ILE D 122 -11.63 -2.45 -1.98
N PHE D 123 -12.26 -3.47 -1.41
CA PHE D 123 -13.34 -4.20 -2.09
C PHE D 123 -14.55 -4.24 -1.18
N PRO D 124 -15.71 -3.78 -1.61
CA PRO D 124 -16.92 -3.93 -0.81
C PRO D 124 -17.37 -5.38 -0.80
N PRO D 125 -18.16 -5.77 0.20
CA PRO D 125 -18.79 -7.10 0.13
C PRO D 125 -19.71 -7.18 -1.07
N SER D 126 -19.71 -8.35 -1.70
CA SER D 126 -20.53 -8.59 -2.87
C SER D 126 -22.01 -8.64 -2.49
N ASP D 127 -22.86 -8.39 -3.50
CA ASP D 127 -24.30 -8.57 -3.30
C ASP D 127 -24.62 -10.00 -2.89
N GLU D 128 -23.96 -10.98 -3.51
CA GLU D 128 -24.22 -12.38 -3.18
C GLU D 128 -23.97 -12.65 -1.71
N GLN D 129 -22.86 -12.15 -1.17
CA GLN D 129 -22.55 -12.43 0.23
C GLN D 129 -23.59 -11.81 1.14
N LEU D 130 -23.97 -10.56 0.86
CA LEU D 130 -24.94 -9.85 1.70
C LEU D 130 -26.27 -10.60 1.78
N LYS D 131 -26.65 -11.29 0.71
CA LYS D 131 -27.84 -12.14 0.73
C LYS D 131 -27.72 -13.30 1.71
N SER D 132 -26.65 -13.35 2.52
CA SER D 132 -26.45 -14.44 3.46
C SER D 132 -26.34 -14.01 4.91
N GLY D 133 -26.23 -12.72 5.19
CA GLY D 133 -26.22 -12.24 6.56
C GLY D 133 -24.88 -11.79 7.09
N THR D 134 -23.80 -12.01 6.34
CA THR D 134 -22.49 -11.52 6.71
C THR D 134 -21.92 -10.66 5.58
N ALA D 135 -20.96 -9.82 5.95
CA ALA D 135 -20.28 -8.95 5.02
C ALA D 135 -18.79 -8.97 5.35
N SER D 136 -17.97 -9.21 4.34
CA SER D 136 -16.52 -9.10 4.44
C SER D 136 -16.04 -7.96 3.55
N VAL D 137 -15.20 -7.11 4.10
CA VAL D 137 -14.54 -6.03 3.35
C VAL D 137 -13.07 -6.41 3.25
N VAL D 138 -12.52 -6.35 2.03
CA VAL D 138 -11.16 -6.79 1.78
C VAL D 138 -10.32 -5.59 1.39
N CYS D 139 -9.11 -5.53 1.93
CA CYS D 139 -8.13 -4.50 1.61
C CYS D 139 -6.87 -5.19 1.14
N LEU D 140 -6.43 -4.86 -0.08
CA LEU D 140 -5.25 -5.46 -0.70
C LEU D 140 -4.10 -4.46 -0.69
N LEU D 141 -2.94 -4.88 -0.20
CA LEU D 141 -1.71 -4.13 -0.36
C LEU D 141 -0.83 -4.92 -1.31
N ASN D 142 -0.62 -4.41 -2.51
CA ASN D 142 0.01 -5.20 -3.56
C ASN D 142 1.45 -4.78 -3.75
N ASN D 143 2.35 -5.78 -3.77
CA ASN D 143 3.71 -5.64 -4.27
C ASN D 143 4.46 -4.52 -3.54
N PHE D 144 4.77 -4.79 -2.28
CA PHE D 144 5.57 -3.83 -1.53
C PHE D 144 6.79 -4.53 -0.95
N TYR D 145 7.70 -3.71 -0.44
CA TYR D 145 8.89 -4.16 0.23
C TYR D 145 9.40 -3.00 1.11
N PRO D 146 9.78 -3.30 2.36
CA PRO D 146 9.85 -4.62 2.99
C PRO D 146 8.52 -5.12 3.52
N ARG D 147 8.56 -6.26 4.20
CA ARG D 147 7.35 -7.00 4.54
C ARG D 147 6.50 -6.25 5.55
N GLU D 148 7.13 -5.55 6.48
CA GLU D 148 6.40 -4.85 7.53
C GLU D 148 5.42 -3.85 6.93
N ALA D 149 4.15 -3.97 7.34
CA ALA D 149 3.11 -3.04 6.91
C ALA D 149 2.01 -3.05 7.97
N LYS D 150 1.30 -1.93 8.07
CA LYS D 150 0.23 -1.81 9.04
C LYS D 150 -1.07 -1.44 8.33
N VAL D 151 -2.11 -2.21 8.59
CA VAL D 151 -3.45 -1.93 8.09
C VAL D 151 -4.32 -1.55 9.27
N GLN D 152 -5.03 -0.43 9.16
CA GLN D 152 -6.02 -0.02 10.14
C GLN D 152 -7.36 0.15 9.44
N TRP D 153 -8.38 -0.52 9.97
CA TRP D 153 -9.74 -0.39 9.44
C TRP D 153 -10.51 0.68 10.21
N LYS D 154 -11.33 1.43 9.49
CA LYS D 154 -12.20 2.44 10.09
C LYS D 154 -13.58 2.36 9.48
N VAL D 155 -14.61 2.33 10.33
CA VAL D 155 -16.00 2.34 9.90
C VAL D 155 -16.63 3.62 10.42
N ASP D 156 -17.09 4.48 9.50
CA ASP D 156 -17.51 5.84 9.82
C ASP D 156 -16.46 6.53 10.69
N ASN D 157 -15.20 6.38 10.29
CA ASN D 157 -14.01 6.89 10.95
C ASN D 157 -13.77 6.28 12.33
N ALA D 158 -14.54 5.29 12.73
CA ALA D 158 -14.33 4.62 14.01
C ALA D 158 -13.31 3.50 13.84
N LEU D 159 -12.17 3.62 14.53
CA LEU D 159 -11.11 2.63 14.44
C LEU D 159 -11.62 1.24 14.85
N GLN D 160 -11.32 0.24 14.02
CA GLN D 160 -11.73 -1.13 14.25
C GLN D 160 -10.63 -1.91 14.94
N SER D 161 -11.03 -2.87 15.76
CA SER D 161 -10.07 -3.69 16.49
C SER D 161 -10.76 -5.02 16.81
N GLY D 162 -10.03 -6.12 16.58
CA GLY D 162 -10.51 -7.43 16.92
C GLY D 162 -11.34 -8.13 15.86
N ASN D 163 -11.84 -7.41 14.85
CA ASN D 163 -12.70 -8.00 13.82
C ASN D 163 -12.03 -8.03 12.45
N SER D 164 -10.70 -8.17 12.41
CA SER D 164 -10.01 -8.26 11.13
C SER D 164 -8.92 -9.32 11.21
N GLN D 165 -8.66 -9.97 10.08
CA GLN D 165 -7.55 -10.90 9.95
C GLN D 165 -6.78 -10.60 8.68
N GLU D 166 -5.50 -10.94 8.67
CA GLU D 166 -4.65 -10.68 7.52
C GLU D 166 -3.67 -11.82 7.30
N SER D 167 -3.22 -11.95 6.04
CA SER D 167 -2.11 -12.83 5.72
C SER D 167 -1.30 -12.19 4.61
N VAL D 168 -0.08 -12.70 4.47
CA VAL D 168 0.93 -12.11 3.61
C VAL D 168 1.48 -13.21 2.72
N THR D 169 1.66 -12.91 1.44
CA THR D 169 2.23 -13.90 0.54
C THR D 169 3.71 -14.12 0.85
N GLU D 170 4.26 -15.21 0.33
CA GLU D 170 5.70 -15.38 0.30
C GLU D 170 6.31 -14.43 -0.73
N GLN D 171 7.59 -14.10 -0.53
CA GLN D 171 8.25 -13.14 -1.39
C GLN D 171 8.17 -13.57 -2.84
N ASP D 172 7.82 -12.63 -3.71
CA ASP D 172 7.69 -12.93 -5.13
C ASP D 172 9.06 -13.14 -5.75
N SER D 173 9.21 -14.23 -6.52
CA SER D 173 10.52 -14.56 -7.06
C SER D 173 10.98 -13.55 -8.11
N LYS D 174 10.04 -12.96 -8.85
CA LYS D 174 10.41 -12.03 -9.92
C LYS D 174 10.86 -10.68 -9.35
N ASP D 175 10.01 -10.02 -8.57
CA ASP D 175 10.27 -8.65 -8.14
C ASP D 175 10.64 -8.53 -6.67
N SER D 176 10.65 -9.65 -5.93
CA SER D 176 11.07 -9.68 -4.53
C SER D 176 10.18 -8.83 -3.65
N THR D 177 8.91 -8.65 -4.02
CA THR D 177 7.96 -7.93 -3.18
C THR D 177 7.04 -8.91 -2.43
N TYR D 178 6.22 -8.33 -1.57
CA TYR D 178 5.18 -9.01 -0.81
C TYR D 178 3.84 -8.39 -1.14
N SER D 179 2.78 -9.14 -0.88
CA SER D 179 1.44 -8.61 -0.91
C SER D 179 0.71 -9.07 0.36
N LEU D 180 -0.26 -8.29 0.78
CA LEU D 180 -0.99 -8.52 2.03
C LEU D 180 -2.47 -8.32 1.75
N SER D 181 -3.28 -9.19 2.36
CA SER D 181 -4.73 -9.15 2.25
C SER D 181 -5.31 -9.06 3.65
N SER D 182 -6.10 -8.02 3.92
CA SER D 182 -6.80 -7.90 5.20
C SER D 182 -8.29 -7.99 4.97
N THR D 183 -8.98 -8.69 5.87
CA THR D 183 -10.42 -8.89 5.75
C THR D 183 -11.10 -8.43 7.02
N LEU D 184 -11.99 -7.45 6.89
CA LEU D 184 -12.83 -7.00 7.99
C LEU D 184 -14.19 -7.68 7.89
N THR D 185 -14.63 -8.29 8.99
CA THR D 185 -15.88 -9.03 9.00
C THR D 185 -16.88 -8.37 9.93
N LEU D 186 -18.11 -8.18 9.45
CA LEU D 186 -19.23 -7.70 10.24
C LEU D 186 -20.47 -8.46 9.83
N SER D 187 -21.50 -8.42 10.68
CA SER D 187 -22.79 -8.93 10.27
C SER D 187 -23.40 -7.99 9.24
N LYS D 188 -24.26 -8.55 8.39
CA LYS D 188 -24.96 -7.72 7.42
C LYS D 188 -25.73 -6.60 8.11
N ALA D 189 -26.21 -6.86 9.33
CA ALA D 189 -26.85 -5.82 10.13
C ALA D 189 -25.87 -4.71 10.47
N ASP D 190 -24.78 -5.05 11.17
CA ASP D 190 -23.71 -4.08 11.42
C ASP D 190 -23.31 -3.35 10.14
N TYR D 191 -23.21 -4.07 9.02
CA TYR D 191 -22.73 -3.43 7.79
C TYR D 191 -23.72 -2.40 7.27
N GLU D 192 -25.02 -2.71 7.29
CA GLU D 192 -26.02 -1.85 6.68
C GLU D 192 -26.34 -0.61 7.52
N LYS D 193 -25.77 -0.50 8.72
CA LYS D 193 -26.04 0.63 9.61
C LYS D 193 -24.98 1.73 9.51
N HIS D 194 -24.02 1.60 8.59
CA HIS D 194 -22.98 2.61 8.41
C HIS D 194 -22.84 2.92 6.92
N LYS D 195 -21.90 3.80 6.58
CA LYS D 195 -21.86 4.32 5.21
C LYS D 195 -20.46 4.29 4.61
N VAL D 196 -19.46 4.77 5.34
CA VAL D 196 -18.10 4.90 4.82
C VAL D 196 -17.21 3.85 5.49
N TYR D 197 -16.64 2.97 4.68
CA TYR D 197 -15.70 1.94 5.10
C TYR D 197 -14.34 2.25 4.52
N ALA D 198 -13.28 2.13 5.33
CA ALA D 198 -11.98 2.60 4.91
C ALA D 198 -10.89 1.74 5.51
N CYS D 199 -9.81 1.53 4.75
CA CYS D 199 -8.59 0.95 5.29
C CYS D 199 -7.44 1.92 5.05
N GLU D 200 -6.62 2.08 6.07
CA GLU D 200 -5.51 3.02 6.07
C GLU D 200 -4.23 2.23 6.25
N VAL D 201 -3.25 2.50 5.40
CA VAL D 201 -2.08 1.65 5.25
C VAL D 201 -0.83 2.43 5.65
N THR D 202 0.08 1.77 6.36
CA THR D 202 1.34 2.35 6.80
C THR D 202 2.48 1.49 6.28
N HIS D 203 3.50 2.14 5.70
CA HIS D 203 4.62 1.39 5.16
C HIS D 203 5.77 2.37 4.91
N GLN D 204 7.00 1.84 5.00
CA GLN D 204 8.18 2.65 4.80
C GLN D 204 8.14 3.40 3.47
N GLY D 205 7.63 2.76 2.42
CA GLY D 205 7.57 3.37 1.09
C GLY D 205 6.66 4.57 0.99
N LEU D 206 5.84 4.81 2.00
CA LEU D 206 4.89 5.91 1.99
C LEU D 206 5.42 7.03 2.88
N SER D 207 5.17 8.27 2.45
CA SER D 207 5.45 9.42 3.32
C SER D 207 4.34 9.63 4.33
N SER D 208 3.10 9.69 3.84
CA SER D 208 1.90 9.83 4.63
C SER D 208 1.05 8.58 4.44
N PRO D 209 0.60 7.93 5.53
CA PRO D 209 -0.22 6.73 5.38
C PRO D 209 -1.41 6.94 4.45
N VAL D 210 -1.64 5.95 3.56
CA VAL D 210 -2.60 6.03 2.47
C VAL D 210 -3.92 5.41 2.90
N THR D 211 -5.03 5.98 2.43
CA THR D 211 -6.36 5.51 2.79
C THR D 211 -7.20 5.30 1.53
N LYS D 212 -7.85 4.15 1.44
CA LYS D 212 -8.84 3.88 0.41
C LYS D 212 -10.19 3.61 1.09
N SER D 213 -11.27 4.04 0.45
CA SER D 213 -12.57 3.88 1.08
C SER D 213 -13.65 3.85 0.01
N PHE D 214 -14.86 3.54 0.45
CA PHE D 214 -16.05 3.56 -0.38
C PHE D 214 -17.27 3.90 0.48
N ASN D 215 -18.33 4.34 -0.19
CA ASN D 215 -19.63 4.60 0.44
C ASN D 215 -20.56 3.46 0.08
N ARG D 216 -21.00 2.69 1.07
CA ARG D 216 -21.85 1.56 0.73
C ARG D 216 -23.09 2.05 0.01
N GLY D 217 -23.22 1.64 -1.26
CA GLY D 217 -24.15 2.22 -2.20
C GLY D 217 -23.50 3.09 -3.26
N GLU D 218 -22.19 3.25 -3.23
CA GLU D 218 -21.47 4.09 -4.20
C GLU D 218 -21.74 3.69 -5.64
#